data_2X2S
#
_entry.id   2X2S
#
_cell.length_a   127.318
_cell.length_b   127.318
_cell.length_c   86.652
_cell.angle_alpha   90.00
_cell.angle_beta   90.00
_cell.angle_gamma   120.00
#
_symmetry.space_group_name_H-M   'P 61'
#
loop_
_entity.id
_entity.type
_entity.pdbx_description
1 polymer AGGLUTININ
2 non-polymer GLYCEROL
3 water water
#
_entity_poly.entity_id   1
_entity_poly.type   'polypeptide(L)'
_entity_poly.pdbx_seq_one_letter_code
;MGFKGVGTYEIVPYQAPSLNLNAWEGKLEPGAVVRTYTRGDKPSDNAKWQVALVAGSGDSAEYLIINVHSGYFLTATKEN
HIVSTPQISPTDPSARWTIKPATTHQYEVFTINNKVSELGQLTVKDYSTHSGADVLSASAKTADNQKWYFDAK
;
_entity_poly.pdbx_strand_id   A,B,C,D
#
loop_
_chem_comp.id
_chem_comp.type
_chem_comp.name
_chem_comp.formula
GOL non-polymer GLYCEROL 'C3 H8 O3'
#
# COMPACT_ATOMS: atom_id res chain seq x y z
N GLY A 2 1.50 10.59 28.36
CA GLY A 2 2.05 9.22 28.25
C GLY A 2 0.91 8.24 28.18
N PHE A 3 1.19 7.07 27.63
CA PHE A 3 0.20 6.02 27.53
C PHE A 3 0.21 5.26 28.85
N LYS A 4 -0.93 5.19 29.50
CA LYS A 4 -1.08 4.56 30.81
C LYS A 4 -2.16 3.48 30.76
N GLY A 5 -2.41 2.90 29.58
CA GLY A 5 -3.44 1.87 29.44
C GLY A 5 -4.76 2.47 29.01
N VAL A 6 -5.86 1.81 29.37
CA VAL A 6 -7.15 2.21 28.83
C VAL A 6 -7.53 3.62 29.26
N GLY A 7 -8.20 4.34 28.36
CA GLY A 7 -8.65 5.68 28.62
C GLY A 7 -8.83 6.45 27.33
N THR A 8 -9.17 7.73 27.45
CA THR A 8 -9.35 8.63 26.31
CA THR A 8 -9.32 8.58 26.28
C THR A 8 -8.08 9.45 26.10
N TYR A 9 -7.63 9.53 24.86
CA TYR A 9 -6.40 10.23 24.50
C TYR A 9 -6.51 11.01 23.23
N GLU A 10 -5.67 12.03 23.09
CA GLU A 10 -5.27 12.50 21.77
C GLU A 10 -4.06 11.67 21.38
N ILE A 11 -3.98 11.28 20.12
CA ILE A 11 -2.86 10.51 19.62
C ILE A 11 -2.11 11.46 18.68
N VAL A 12 -0.83 11.66 18.97
CA VAL A 12 -0.05 12.79 18.46
C VAL A 12 1.18 12.30 17.72
N PRO A 13 1.32 12.70 16.43
CA PRO A 13 2.51 12.20 15.72
C PRO A 13 3.80 12.81 16.24
N TYR A 14 4.82 11.98 16.41
CA TYR A 14 6.07 12.35 17.02
C TYR A 14 6.76 13.50 16.32
N GLN A 15 6.74 13.48 14.99
CA GLN A 15 7.43 14.55 14.23
C GLN A 15 6.68 15.88 14.29
N ALA A 16 5.42 15.87 14.64
CA ALA A 16 4.60 17.09 14.62
C ALA A 16 3.62 17.12 15.78
N PRO A 17 4.12 17.42 16.98
CA PRO A 17 3.24 17.46 18.13
C PRO A 17 2.22 18.61 18.14
N SER A 18 2.34 19.52 17.17
CA SER A 18 1.31 20.54 16.95
C SER A 18 0.07 19.99 16.24
N LEU A 19 0.08 18.71 15.92
CA LEU A 19 -1.00 18.03 15.22
C LEU A 19 -1.50 16.84 16.07
N ASN A 20 -2.70 16.36 15.74
CA ASN A 20 -3.16 15.07 16.30
C ASN A 20 -3.91 14.26 15.26
N LEU A 21 -4.29 13.05 15.66
CA LEU A 21 -5.01 12.11 14.81
CA LEU A 21 -5.01 12.14 14.77
C LEU A 21 -6.50 12.46 14.83
N ASN A 22 -7.09 12.66 13.66
CA ASN A 22 -8.48 13.21 13.53
C ASN A 22 -9.21 12.40 12.47
N ALA A 23 -10.50 12.14 12.70
CA ALA A 23 -11.36 11.65 11.63
C ALA A 23 -12.60 12.54 11.66
N TRP A 24 -13.06 13.00 10.52
CA TRP A 24 -14.24 13.86 10.52
C TRP A 24 -15.38 13.25 9.75
N GLU A 25 -16.57 13.34 10.33
CA GLU A 25 -17.79 13.16 9.56
C GLU A 25 -18.88 14.09 10.12
N GLY A 26 -19.84 14.43 9.27
CA GLY A 26 -20.87 15.41 9.62
C GLY A 26 -22.20 14.83 10.04
N LYS A 27 -22.49 13.57 9.67
CA LYS A 27 -23.75 12.94 10.08
C LYS A 27 -23.50 11.57 10.68
N LEU A 28 -22.38 11.45 11.39
CA LEU A 28 -22.05 10.23 12.15
C LEU A 28 -21.90 8.97 11.28
N GLU A 29 -21.75 9.15 9.98
CA GLU A 29 -21.63 8.01 9.08
C GLU A 29 -20.25 7.29 9.24
N PRO A 30 -20.21 5.97 9.00
CA PRO A 30 -18.94 5.23 9.07
C PRO A 30 -18.06 5.46 7.88
N GLY A 31 -16.77 5.18 8.05
CA GLY A 31 -15.82 5.19 6.92
C GLY A 31 -14.93 6.40 6.74
N ALA A 32 -15.01 7.34 7.67
CA ALA A 32 -14.10 8.51 7.63
C ALA A 32 -12.65 8.07 7.56
N VAL A 33 -11.85 8.75 6.75
CA VAL A 33 -10.42 8.48 6.74
C VAL A 33 -9.77 9.26 7.85
N VAL A 34 -8.61 8.78 8.26
CA VAL A 34 -7.90 9.35 9.37
C VAL A 34 -6.70 10.12 8.82
N ARG A 35 -6.58 11.36 9.28
CA ARG A 35 -5.52 12.25 8.88
C ARG A 35 -4.99 12.95 10.08
N THR A 36 -3.81 13.51 9.95
CA THR A 36 -3.34 14.42 10.99
C THR A 36 -4.05 15.74 10.80
N TYR A 37 -4.21 16.48 11.88
CA TYR A 37 -4.89 17.75 11.81
C TYR A 37 -4.39 18.64 12.92
N THR A 38 -4.42 19.93 12.65
CA THR A 38 -4.11 20.96 13.60
C THR A 38 -4.69 20.69 14.97
N ARG A 39 -3.84 20.76 15.98
CA ARG A 39 -4.20 20.39 17.31
C ARG A 39 -4.85 21.52 18.04
N GLY A 40 -6.11 21.31 18.43
CA GLY A 40 -6.75 22.27 19.30
C GLY A 40 -6.17 22.15 20.71
N ASP A 41 -5.99 23.31 21.33
CA ASP A 41 -5.61 23.37 22.74
C ASP A 41 -6.60 22.58 23.61
N LYS A 42 -7.88 22.66 23.23
CA LYS A 42 -8.96 21.81 23.78
C LYS A 42 -9.56 20.97 22.64
N PRO A 43 -9.06 19.75 22.46
CA PRO A 43 -9.47 19.00 21.25
C PRO A 43 -10.94 18.58 21.24
N SER A 44 -11.56 18.60 20.05
CA SER A 44 -12.95 18.15 19.94
C SER A 44 -12.95 16.63 19.91
N ASP A 45 -14.12 16.02 20.06
CA ASP A 45 -14.27 14.56 20.17
CA ASP A 45 -14.12 14.55 20.21
C ASP A 45 -13.88 13.79 18.90
N ASN A 46 -13.86 14.46 17.76
N ASN A 46 -13.92 14.49 17.76
CA ASN A 46 -13.44 13.76 16.55
CA ASN A 46 -13.40 13.95 16.48
C ASN A 46 -11.92 13.53 16.53
C ASN A 46 -11.94 13.51 16.59
N ALA A 47 -11.21 14.23 17.42
CA ALA A 47 -9.79 14.05 17.61
C ALA A 47 -9.44 13.45 18.99
N LYS A 48 -10.42 12.78 19.62
CA LYS A 48 -10.16 12.01 20.84
C LYS A 48 -10.52 10.55 20.60
N TRP A 49 -9.79 9.67 21.25
CA TRP A 49 -9.82 8.22 20.94
C TRP A 49 -9.86 7.46 22.24
N GLN A 50 -10.84 6.58 22.36
CA GLN A 50 -10.89 5.70 23.49
C GLN A 50 -10.10 4.44 23.19
N VAL A 51 -9.04 4.25 23.98
CA VAL A 51 -8.25 3.03 23.90
C VAL A 51 -8.94 2.04 24.83
N ALA A 52 -9.42 0.96 24.25
CA ALA A 52 -10.22 -0.06 24.95
C ALA A 52 -9.52 -1.42 24.85
N LEU A 53 -9.20 -2.00 25.99
CA LEU A 53 -8.54 -3.32 26.03
C LEU A 53 -9.50 -4.39 25.63
N VAL A 54 -9.10 -5.23 24.67
CA VAL A 54 -9.90 -6.36 24.21
C VAL A 54 -9.28 -7.75 24.41
N ALA A 55 -7.96 -7.80 24.64
CA ALA A 55 -7.32 -9.08 24.96
C ALA A 55 -5.99 -8.87 25.60
N GLY A 56 -5.59 -9.83 26.43
CA GLY A 56 -4.24 -9.83 26.96
C GLY A 56 -4.04 -8.80 28.05
N SER A 57 -2.81 -8.53 28.42
N SER A 57 -2.74 -8.55 28.28
CA SER A 57 -2.58 -7.56 29.47
CA SER A 57 -2.19 -7.54 29.19
C SER A 57 -1.13 -7.25 29.43
C SER A 57 -0.74 -7.24 28.78
N GLY A 58 -0.77 -6.05 29.88
N GLY A 58 -0.17 -6.17 29.31
CA GLY A 58 0.62 -5.60 29.85
CA GLY A 58 1.23 -5.83 29.04
C GLY A 58 1.23 -5.86 28.49
C GLY A 58 1.46 -5.24 27.66
N ASP A 59 2.20 -6.78 28.46
N ASP A 59 2.70 -5.33 27.19
CA ASP A 59 2.94 -7.09 27.22
CA ASP A 59 3.07 -4.79 25.89
C ASP A 59 2.11 -7.74 26.12
C ASP A 59 2.40 -5.52 24.73
N SER A 60 1.02 -8.41 26.49
N SER A 60 1.96 -6.75 24.98
CA SER A 60 0.17 -9.09 25.51
CA SER A 60 1.30 -7.55 23.96
C SER A 60 -1.10 -8.33 25.18
C SER A 60 -0.21 -7.36 24.00
N ALA A 61 -1.23 -7.10 25.69
N ALA A 61 -0.69 -6.54 24.93
CA ALA A 61 -2.45 -6.28 25.42
CA ALA A 61 -2.13 -6.33 25.09
C ALA A 61 -2.71 -5.95 23.93
C ALA A 61 -2.70 -5.82 23.79
N GLU A 62 -3.96 -6.14 23.51
CA GLU A 62 -4.54 -5.71 22.25
C GLU A 62 -5.66 -4.75 22.57
N TYR A 63 -5.79 -3.71 21.77
CA TYR A 63 -6.75 -2.66 21.99
C TYR A 63 -7.56 -2.35 20.75
N LEU A 64 -8.80 -1.92 20.98
CA LEU A 64 -9.52 -1.14 20.00
C LEU A 64 -9.16 0.33 20.23
N ILE A 65 -9.11 1.13 19.17
CA ILE A 65 -8.90 2.56 19.25
C ILE A 65 -10.12 3.23 18.64
N ILE A 66 -11.02 3.67 19.51
CA ILE A 66 -12.38 4.00 19.17
C ILE A 66 -12.54 5.51 19.10
N ASN A 67 -13.02 6.00 17.97
CA ASN A 67 -13.23 7.44 17.86
C ASN A 67 -14.29 7.87 18.85
N VAL A 68 -14.01 8.89 19.65
CA VAL A 68 -14.95 9.30 20.68
C VAL A 68 -16.25 9.86 20.11
N HIS A 69 -16.18 10.62 19.03
CA HIS A 69 -17.37 11.20 18.45
C HIS A 69 -18.29 10.15 17.79
N SER A 70 -17.74 9.27 16.96
CA SER A 70 -18.55 8.37 16.13
C SER A 70 -18.76 6.99 16.70
N GLY A 71 -17.84 6.57 17.56
CA GLY A 71 -17.80 5.22 18.08
C GLY A 71 -17.24 4.17 17.14
N TYR A 72 -16.78 4.59 15.97
CA TYR A 72 -16.21 3.63 15.04
C TYR A 72 -14.71 3.41 15.32
N PHE A 73 -14.24 2.24 14.90
CA PHE A 73 -12.92 1.72 15.27
C PHE A 73 -11.87 2.04 14.19
N LEU A 74 -10.73 2.53 14.65
CA LEU A 74 -9.55 2.74 13.79
CA LEU A 74 -9.55 2.73 13.77
C LEU A 74 -9.15 1.38 13.20
N THR A 75 -9.14 1.29 11.86
CA THR A 75 -8.95 0.05 11.14
C THR A 75 -7.98 0.21 10.01
N ALA A 76 -7.13 -0.80 9.82
CA ALA A 76 -6.31 -0.93 8.63
C ALA A 76 -6.97 -1.84 7.64
N THR A 77 -6.85 -1.52 6.37
CA THR A 77 -7.36 -2.39 5.30
C THR A 77 -6.27 -3.05 4.47
N LYS A 78 -5.29 -2.26 4.03
CA LYS A 78 -4.16 -2.78 3.26
C LYS A 78 -2.86 -2.11 3.71
N GLU A 79 -1.75 -2.84 3.59
CA GLU A 79 -0.46 -2.31 3.97
C GLU A 79 -0.14 -1.15 3.02
N ASN A 80 0.43 -0.09 3.59
CA ASN A 80 0.78 1.13 2.85
C ASN A 80 -0.41 1.84 2.24
N HIS A 81 -1.59 1.68 2.85
CA HIS A 81 -2.80 2.43 2.50
C HIS A 81 -3.32 3.17 3.75
N ILE A 82 -4.22 4.12 3.53
CA ILE A 82 -4.78 4.92 4.60
C ILE A 82 -5.65 4.08 5.54
N VAL A 83 -5.65 4.48 6.80
CA VAL A 83 -6.53 3.90 7.80
C VAL A 83 -7.81 4.71 7.89
N SER A 84 -8.85 4.09 8.42
CA SER A 84 -10.15 4.72 8.47
C SER A 84 -10.94 4.22 9.66
N THR A 85 -12.17 4.70 9.80
CA THR A 85 -13.06 4.26 10.88
C THR A 85 -14.37 3.73 10.32
N PRO A 86 -14.30 2.55 9.70
CA PRO A 86 -15.50 1.91 9.16
C PRO A 86 -16.29 1.25 10.26
N GLN A 87 -17.50 0.84 9.92
CA GLN A 87 -18.24 -0.10 10.74
C GLN A 87 -17.58 -1.47 10.60
N ILE A 88 -17.16 -2.04 11.71
CA ILE A 88 -16.42 -3.30 11.66
C ILE A 88 -16.57 -4.03 12.98
N SER A 89 -16.47 -5.35 12.91
CA SER A 89 -16.54 -6.16 14.15
C SER A 89 -15.40 -5.93 15.07
N PRO A 90 -15.67 -5.90 16.39
CA PRO A 90 -14.58 -5.76 17.36
C PRO A 90 -13.64 -6.96 17.40
N THR A 91 -14.01 -8.06 16.75
CA THR A 91 -13.14 -9.22 16.71
C THR A 91 -12.32 -9.31 15.43
N ASP A 92 -12.51 -8.36 14.52
CA ASP A 92 -11.71 -8.34 13.29
C ASP A 92 -10.32 -7.92 13.67
N PRO A 93 -9.32 -8.75 13.41
CA PRO A 93 -7.97 -8.37 13.83
C PRO A 93 -7.41 -7.10 13.23
N SER A 94 -7.92 -6.69 12.07
CA SER A 94 -7.47 -5.47 11.41
C SER A 94 -7.91 -4.20 12.16
N ALA A 95 -8.81 -4.34 13.11
CA ALA A 95 -9.22 -3.25 13.98
C ALA A 95 -8.60 -3.33 15.37
N ARG A 96 -7.65 -4.24 15.58
CA ARG A 96 -6.99 -4.38 16.87
C ARG A 96 -5.53 -3.96 16.76
N TRP A 97 -5.01 -3.36 17.83
CA TRP A 97 -3.70 -2.73 17.79
C TRP A 97 -2.95 -3.01 19.09
N THR A 98 -1.63 -3.13 18.99
CA THR A 98 -0.80 -3.14 20.20
C THR A 98 -0.13 -1.77 20.28
N ILE A 99 0.17 -1.33 21.49
CA ILE A 99 0.78 -0.04 21.76
C ILE A 99 2.02 -0.35 22.59
N LYS A 100 3.18 -0.10 21.97
CA LYS A 100 4.46 -0.58 22.48
CA LYS A 100 4.44 -0.55 22.52
C LYS A 100 5.46 0.58 22.57
N PRO A 101 6.30 0.62 23.63
CA PRO A 101 7.32 1.68 23.64
C PRO A 101 8.21 1.63 22.42
N ALA A 102 8.56 2.78 21.87
CA ALA A 102 9.34 2.80 20.63
C ALA A 102 10.77 2.30 20.89
N THR A 103 11.34 2.73 22.01
CA THR A 103 12.67 2.33 22.44
C THR A 103 12.62 1.97 23.92
N THR A 104 13.69 1.36 24.43
CA THR A 104 13.74 0.84 25.81
C THR A 104 14.23 1.89 26.82
N TYR A 107 8.38 5.42 28.74
CA TYR A 107 6.94 5.41 28.51
C TYR A 107 6.44 6.80 28.07
N GLU A 108 6.99 7.23 26.94
CA GLU A 108 6.75 8.56 26.36
CA GLU A 108 6.76 8.55 26.35
C GLU A 108 6.44 8.46 24.85
N VAL A 109 7.24 7.69 24.09
CA VAL A 109 7.03 7.52 22.65
C VAL A 109 6.69 6.04 22.31
N PHE A 110 5.66 5.87 21.49
CA PHE A 110 5.09 4.56 21.18
C PHE A 110 4.92 4.28 19.70
N THR A 111 4.92 2.98 19.36
CA THR A 111 4.42 2.54 18.08
C THR A 111 3.02 1.94 18.28
N ILE A 112 2.24 1.98 17.23
CA ILE A 112 0.84 1.56 17.21
C ILE A 112 0.73 0.54 16.07
N ASN A 113 0.73 -0.72 16.48
CA ASN A 113 0.97 -1.86 15.58
C ASN A 113 -0.30 -2.67 15.34
N ASN A 114 -0.65 -2.92 14.08
CA ASN A 114 -1.83 -3.69 13.80
C ASN A 114 -1.66 -5.14 14.27
N LYS A 115 -2.73 -5.74 14.75
CA LYS A 115 -2.68 -7.17 15.13
C LYS A 115 -2.35 -8.07 13.93
N VAL A 116 -2.78 -7.66 12.74
CA VAL A 116 -2.41 -8.36 11.50
C VAL A 116 -1.02 -7.84 11.13
N SER A 117 0.00 -8.65 11.32
CA SER A 117 1.37 -8.15 11.25
CA SER A 117 1.39 -8.22 11.22
C SER A 117 1.69 -7.62 9.85
N GLU A 118 1.09 -8.24 8.84
CA GLU A 118 1.28 -7.83 7.45
CA GLU A 118 1.28 -7.83 7.46
C GLU A 118 0.80 -6.40 7.18
N LEU A 119 -0.14 -5.90 8.00
CA LEU A 119 -0.69 -4.54 7.78
C LEU A 119 0.22 -3.42 8.34
N GLY A 120 1.13 -3.78 9.23
CA GLY A 120 2.13 -2.87 9.75
C GLY A 120 1.65 -1.98 10.88
N GLN A 121 2.16 -0.77 10.91
CA GLN A 121 1.93 0.14 12.02
C GLN A 121 1.53 1.52 11.54
N LEU A 122 0.95 2.29 12.43
CA LEU A 122 0.47 3.60 12.07
C LEU A 122 1.62 4.49 11.67
N THR A 123 1.49 5.15 10.52
CA THR A 123 2.59 5.85 9.87
C THR A 123 2.05 7.11 9.22
N VAL A 124 2.72 8.23 9.41
CA VAL A 124 2.28 9.46 8.72
C VAL A 124 2.84 9.48 7.31
N LYS A 125 1.97 9.56 6.31
CA LYS A 125 2.45 9.54 4.92
C LYS A 125 3.51 10.60 4.62
N ASP A 126 4.60 10.17 3.97
CA ASP A 126 5.66 11.05 3.44
C ASP A 126 6.31 11.92 4.54
N TYR A 127 6.30 11.40 5.76
CA TYR A 127 6.94 12.05 6.89
C TYR A 127 6.42 13.47 7.08
N SER A 128 5.15 13.69 6.76
CA SER A 128 4.61 15.04 6.83
C SER A 128 4.54 15.58 8.26
N THR A 129 4.89 16.85 8.41
CA THR A 129 4.71 17.58 9.67
C THR A 129 3.61 18.65 9.58
N HIS A 130 2.79 18.59 8.53
CA HIS A 130 1.73 19.56 8.30
C HIS A 130 0.35 18.91 8.38
N SER A 131 -0.63 19.72 8.74
CA SER A 131 -2.02 19.28 8.86
C SER A 131 -2.54 18.69 7.58
N GLY A 132 -3.39 17.68 7.72
CA GLY A 132 -4.06 17.08 6.60
C GLY A 132 -3.41 15.91 5.92
N ALA A 133 -2.38 15.33 6.57
CA ALA A 133 -1.63 14.24 6.00
C ALA A 133 -2.35 12.94 6.24
N ASP A 134 -2.34 12.09 5.24
CA ASP A 134 -2.92 10.78 5.38
C ASP A 134 -2.14 9.96 6.43
N VAL A 135 -2.87 9.18 7.23
CA VAL A 135 -2.25 8.25 8.17
C VAL A 135 -2.46 6.84 7.62
N LEU A 136 -1.34 6.16 7.43
CA LEU A 136 -1.29 4.86 6.79
C LEU A 136 -1.06 3.77 7.84
N SER A 137 -1.31 2.53 7.47
CA SER A 137 -0.75 1.40 8.19
CA SER A 137 -0.81 1.37 8.14
C SER A 137 0.30 0.84 7.23
N ALA A 138 1.55 0.92 7.66
CA ALA A 138 2.67 0.56 6.77
C ALA A 138 3.71 -0.25 7.55
N SER A 139 4.48 -1.09 6.87
CA SER A 139 5.43 -1.95 7.54
CA SER A 139 5.42 -1.96 7.56
C SER A 139 6.41 -1.17 8.42
N ALA A 140 6.75 -1.73 9.59
CA ALA A 140 7.70 -1.06 10.51
C ALA A 140 9.06 -0.85 9.87
N LYS A 141 9.60 0.36 10.02
CA LYS A 141 10.90 0.72 9.48
C LYS A 141 11.80 1.39 10.52
N THR A 142 11.34 1.39 11.78
CA THR A 142 11.99 2.17 12.85
C THR A 142 12.11 3.67 12.51
N ALA A 143 11.10 4.19 11.82
CA ALA A 143 11.13 5.58 11.37
C ALA A 143 10.37 6.49 12.33
N ASP A 144 10.77 7.74 12.32
CA ASP A 144 10.19 8.72 13.22
C ASP A 144 8.74 9.04 12.90
N ASN A 145 8.33 8.81 11.65
CA ASN A 145 6.91 9.02 11.30
C ASN A 145 6.02 7.83 11.70
N GLN A 146 6.60 6.87 12.44
CA GLN A 146 5.85 5.73 12.99
C GLN A 146 5.85 5.75 14.51
N LYS A 147 6.20 6.91 15.08
CA LYS A 147 6.25 7.09 16.52
C LYS A 147 5.15 8.06 16.95
N TRP A 148 4.59 7.82 18.13
CA TRP A 148 3.42 8.55 18.58
C TRP A 148 3.47 8.87 20.06
N TYR A 149 2.91 10.01 20.43
CA TYR A 149 2.60 10.31 21.82
C TYR A 149 1.11 10.07 22.11
N PHE A 150 0.84 9.71 23.36
CA PHE A 150 -0.52 9.58 23.85
C PHE A 150 -0.70 10.63 24.94
N ASP A 151 -1.65 11.54 24.73
CA ASP A 151 -1.95 12.58 25.72
CA ASP A 151 -1.95 12.62 25.69
C ASP A 151 -3.32 12.38 26.29
N ALA A 152 -3.36 12.11 27.60
CA ALA A 152 -4.61 11.85 28.25
C ALA A 152 -5.48 13.09 28.16
N LYS A 153 -6.71 12.84 27.74
CA LYS A 153 -7.72 13.85 27.49
C LYS A 153 -9.03 13.12 27.76
N GLY B 2 -16.08 -18.87 30.47
CA GLY B 2 -15.90 -18.30 31.84
C GLY B 2 -15.45 -16.87 31.69
N PHE B 3 -15.80 -16.03 32.67
CA PHE B 3 -15.43 -14.62 32.65
C PHE B 3 -13.97 -14.46 33.06
N LYS B 4 -13.18 -13.84 32.19
CA LYS B 4 -11.76 -13.60 32.45
C LYS B 4 -11.47 -12.12 32.31
N GLY B 5 -12.50 -11.29 32.38
CA GLY B 5 -12.33 -9.89 32.06
C GLY B 5 -12.59 -9.70 30.59
N VAL B 6 -11.73 -8.96 29.92
CA VAL B 6 -11.96 -8.70 28.52
C VAL B 6 -11.98 -10.02 27.72
N GLY B 7 -12.83 -10.05 26.70
CA GLY B 7 -12.95 -11.22 25.89
C GLY B 7 -14.22 -11.18 25.08
N THR B 8 -14.40 -12.19 24.21
CA THR B 8 -15.58 -12.34 23.41
C THR B 8 -16.41 -13.47 24.01
N TYR B 9 -17.67 -13.21 24.27
CA TYR B 9 -18.52 -14.15 24.99
C TYR B 9 -19.92 -14.26 24.40
N GLU B 10 -20.55 -15.41 24.68
CA GLU B 10 -22.02 -15.47 24.75
C GLU B 10 -22.40 -15.12 26.20
N ILE B 11 -23.35 -14.21 26.36
CA ILE B 11 -23.78 -13.75 27.66
C ILE B 11 -25.16 -14.43 27.89
N VAL B 12 -25.20 -15.29 28.89
CA VAL B 12 -26.23 -16.31 29.05
C VAL B 12 -27.01 -16.06 30.34
N PRO B 13 -28.33 -15.90 30.25
CA PRO B 13 -29.11 -15.63 31.45
C PRO B 13 -29.18 -16.84 32.40
N TYR B 14 -29.01 -16.56 33.67
CA TYR B 14 -28.91 -17.54 34.72
C TYR B 14 -30.13 -18.47 34.79
N GLN B 15 -31.31 -17.92 34.57
CA GLN B 15 -32.52 -18.74 34.67
C GLN B 15 -32.80 -19.53 33.39
N ALA B 16 -32.08 -19.20 32.31
CA ALA B 16 -32.38 -19.79 31.04
C ALA B 16 -31.11 -20.09 30.25
N PRO B 17 -30.35 -21.05 30.70
CA PRO B 17 -29.02 -21.29 30.17
C PRO B 17 -28.98 -21.77 28.72
N SER B 18 -30.12 -22.16 28.15
CA SER B 18 -30.24 -22.55 26.76
CA SER B 18 -30.20 -22.54 26.76
C SER B 18 -30.37 -21.34 25.83
N LEU B 19 -30.42 -20.13 26.39
CA LEU B 19 -30.57 -18.91 25.61
C LEU B 19 -29.33 -18.05 25.79
N ASN B 20 -29.23 -17.02 24.96
CA ASN B 20 -28.22 -15.98 25.15
C ASN B 20 -28.76 -14.59 24.81
N LEU B 21 -27.93 -13.59 25.03
CA LEU B 21 -28.23 -12.19 24.74
C LEU B 21 -28.04 -11.94 23.25
N ASN B 22 -29.08 -11.42 22.58
CA ASN B 22 -29.12 -11.39 21.13
C ASN B 22 -29.61 -10.03 20.64
N ALA B 23 -28.82 -9.41 19.76
CA ALA B 23 -29.27 -8.18 19.10
C ALA B 23 -30.25 -8.56 17.99
N TRP B 24 -31.49 -8.19 18.22
CA TRP B 24 -32.63 -8.70 17.44
C TRP B 24 -32.53 -8.40 15.95
N GLU B 25 -32.61 -9.47 15.17
CA GLU B 25 -32.53 -9.53 13.71
CA GLU B 25 -32.56 -9.45 13.70
C GLU B 25 -31.14 -9.40 13.12
N GLY B 26 -30.15 -9.08 13.94
CA GLY B 26 -28.77 -9.13 13.51
C GLY B 26 -28.40 -8.32 12.26
N LYS B 27 -28.92 -7.11 12.20
CA LYS B 27 -28.66 -6.20 11.10
C LYS B 27 -27.48 -5.29 11.44
N LEU B 28 -26.93 -4.65 10.40
CA LEU B 28 -25.83 -3.69 10.61
C LEU B 28 -26.34 -2.31 11.03
N GLU B 29 -27.61 -2.00 10.77
CA GLU B 29 -28.13 -0.67 11.10
CA GLU B 29 -28.18 -0.69 11.11
C GLU B 29 -28.12 -0.51 12.61
N PRO B 30 -27.75 0.69 13.11
CA PRO B 30 -27.75 0.91 14.52
C PRO B 30 -29.15 0.92 15.15
N GLY B 31 -29.21 0.63 16.45
CA GLY B 31 -30.42 0.79 17.22
C GLY B 31 -31.19 -0.50 17.52
N ALA B 32 -30.62 -1.67 17.21
CA ALA B 32 -31.35 -2.95 17.52
C ALA B 32 -31.70 -3.01 18.98
N VAL B 33 -32.88 -3.55 19.28
CA VAL B 33 -33.16 -3.93 20.65
C VAL B 33 -32.58 -5.30 20.94
N VAL B 34 -32.44 -5.61 22.21
CA VAL B 34 -31.77 -6.85 22.65
C VAL B 34 -32.76 -7.71 23.43
N ARG B 35 -32.78 -8.99 23.09
CA ARG B 35 -33.71 -9.95 23.69
C ARG B 35 -32.93 -11.22 23.94
N THR B 36 -33.50 -12.11 24.72
CA THR B 36 -32.97 -13.44 24.78
C THR B 36 -33.37 -14.23 23.54
N TYR B 37 -32.55 -15.20 23.18
CA TYR B 37 -32.84 -16.03 22.03
C TYR B 37 -32.08 -17.34 22.17
N THR B 38 -32.60 -18.40 21.56
CA THR B 38 -31.97 -19.71 21.53
CA THR B 38 -31.94 -19.70 21.67
C THR B 38 -30.47 -19.63 21.23
N ARG B 39 -29.62 -20.28 22.03
CA ARG B 39 -28.18 -20.31 21.72
C ARG B 39 -27.88 -20.92 20.33
N GLY B 40 -28.61 -21.98 20.00
CA GLY B 40 -28.28 -22.81 18.84
C GLY B 40 -27.03 -23.64 19.10
N ASP B 41 -26.64 -24.43 18.11
CA ASP B 41 -25.52 -25.31 18.25
C ASP B 41 -24.20 -24.53 18.20
N LYS B 42 -24.22 -23.34 17.58
CA LYS B 42 -23.08 -22.44 17.54
CA LYS B 42 -23.06 -22.43 17.50
C LYS B 42 -23.64 -21.01 17.53
N PRO B 43 -22.95 -20.04 18.20
CA PRO B 43 -23.60 -18.74 18.27
C PRO B 43 -23.49 -17.93 16.98
N SER B 44 -24.53 -17.17 16.66
CA SER B 44 -24.45 -16.23 15.57
C SER B 44 -23.74 -14.97 16.07
N ASP B 45 -23.16 -14.20 15.14
CA ASP B 45 -22.34 -13.06 15.55
C ASP B 45 -23.15 -11.96 16.23
N ASN B 46 -24.45 -11.87 15.94
CA ASN B 46 -25.29 -10.90 16.64
C ASN B 46 -25.58 -11.29 18.08
N ALA B 47 -25.18 -12.50 18.45
CA ALA B 47 -25.34 -13.02 19.79
C ALA B 47 -23.98 -13.31 20.45
N LYS B 48 -22.93 -12.66 19.96
CA LYS B 48 -21.62 -12.63 20.62
C LYS B 48 -21.28 -11.20 20.94
N TRP B 49 -20.57 -11.01 22.03
CA TRP B 49 -20.31 -9.69 22.59
C TRP B 49 -18.86 -9.58 23.03
N GLN B 50 -18.19 -8.51 22.61
CA GLN B 50 -16.88 -8.21 23.09
C GLN B 50 -16.97 -7.33 24.31
N VAL B 51 -16.48 -7.85 25.43
CA VAL B 51 -16.29 -7.08 26.65
C VAL B 51 -14.95 -6.39 26.51
N ALA B 52 -14.99 -5.05 26.53
CA ALA B 52 -13.80 -4.24 26.28
C ALA B 52 -13.63 -3.28 27.47
N LEU B 53 -12.49 -3.32 28.12
CA LEU B 53 -12.24 -2.48 29.29
C LEU B 53 -11.94 -1.04 28.82
N VAL B 54 -12.65 -0.07 29.43
CA VAL B 54 -12.50 1.35 29.10
C VAL B 54 -12.00 2.22 30.26
N ALA B 55 -12.15 1.74 31.49
CA ALA B 55 -11.68 2.47 32.67
C ALA B 55 -11.48 1.56 33.84
N GLY B 56 -10.55 1.92 34.71
CA GLY B 56 -10.35 1.22 35.96
C GLY B 56 -9.74 -0.16 35.79
N SER B 57 -9.78 -0.96 36.82
N SER B 57 -9.96 -0.95 36.84
CA SER B 57 -9.15 -2.28 36.74
CA SER B 57 -9.60 -2.36 36.97
C SER B 57 -9.64 -3.00 37.95
C SER B 57 -10.42 -2.99 38.11
N GLY B 58 -9.78 -4.32 37.84
N GLY B 58 -10.48 -4.32 38.15
CA GLY B 58 -10.36 -5.11 38.91
CA GLY B 58 -11.13 -5.01 39.26
C GLY B 58 -11.64 -4.48 39.45
C GLY B 58 -12.65 -5.04 39.18
N ASP B 59 -11.60 -4.02 40.70
N ASP B 59 -13.31 -5.28 40.31
CA ASP B 59 -12.80 -3.52 41.37
CA ASP B 59 -14.76 -5.38 40.30
C ASP B 59 -13.43 -2.27 40.76
C ASP B 59 -15.42 -4.09 39.82
N SER B 60 -12.63 -1.49 40.01
N SER B 60 -14.75 -2.96 40.07
CA SER B 60 -13.13 -0.25 39.42
CA SER B 60 -15.27 -1.64 39.69
C SER B 60 -13.35 -0.40 37.91
C SER B 60 -14.91 -1.25 38.25
N ALA B 61 -13.29 -1.63 37.40
N ALA B 61 -14.22 -2.14 37.54
CA ALA B 61 -13.44 -1.85 35.95
CA ALA B 61 -13.76 -1.84 36.18
C ALA B 61 -14.80 -1.40 35.42
C ALA B 61 -14.95 -1.51 35.32
N GLU B 62 -14.76 -0.66 34.30
CA GLU B 62 -15.88 -0.25 33.49
C GLU B 62 -15.64 -0.78 32.08
N TYR B 63 -16.70 -1.34 31.50
CA TYR B 63 -16.63 -2.01 30.20
C TYR B 63 -17.65 -1.51 29.21
N LEU B 64 -17.28 -1.55 27.93
CA LEU B 64 -18.23 -1.55 26.87
C LEU B 64 -18.56 -3.03 26.59
N ILE B 65 -19.80 -3.27 26.18
CA ILE B 65 -20.24 -4.58 25.78
C ILE B 65 -20.68 -4.44 24.33
N ILE B 66 -19.77 -4.85 23.43
CA ILE B 66 -19.84 -4.48 22.00
C ILE B 66 -20.39 -5.62 21.17
N ASN B 67 -21.44 -5.38 20.38
CA ASN B 67 -21.99 -6.45 19.55
C ASN B 67 -20.95 -6.89 18.51
N VAL B 68 -20.71 -8.20 18.38
CA VAL B 68 -19.68 -8.68 17.47
C VAL B 68 -20.04 -8.43 15.99
N HIS B 69 -21.33 -8.51 15.66
CA HIS B 69 -21.72 -8.31 14.26
C HIS B 69 -21.72 -6.83 13.86
N SER B 70 -22.33 -5.99 14.68
CA SER B 70 -22.55 -4.58 14.26
C SER B 70 -21.49 -3.61 14.76
N GLY B 71 -20.79 -4.01 15.81
CA GLY B 71 -19.83 -3.15 16.52
C GLY B 71 -20.46 -2.07 17.37
N TYR B 72 -21.79 -2.08 17.51
CA TYR B 72 -22.45 -1.09 18.35
C TYR B 72 -22.50 -1.54 19.81
N PHE B 73 -22.67 -0.57 20.70
CA PHE B 73 -22.48 -0.78 22.12
C PHE B 73 -23.82 -0.99 22.84
N LEU B 74 -23.87 -2.01 23.69
CA LEU B 74 -25.05 -2.23 24.54
C LEU B 74 -25.28 -1.02 25.42
N THR B 75 -26.47 -0.43 25.36
CA THR B 75 -26.77 0.81 26.00
C THR B 75 -28.11 0.75 26.70
N ALA B 76 -28.20 1.35 27.89
CA ALA B 76 -29.47 1.56 28.59
C ALA B 76 -29.95 2.98 28.23
N THR B 77 -31.19 3.09 27.79
CA THR B 77 -31.72 4.40 27.36
C THR B 77 -32.76 4.98 28.32
N LYS B 78 -33.39 4.12 29.13
CA LYS B 78 -34.44 4.54 30.04
C LYS B 78 -34.55 3.52 31.16
N GLU B 79 -34.99 3.97 32.31
CA GLU B 79 -35.29 3.12 33.44
C GLU B 79 -36.39 2.14 33.09
N ASN B 80 -36.23 0.90 33.51
CA ASN B 80 -37.18 -0.17 33.29
CA ASN B 80 -37.22 -0.17 33.30
C ASN B 80 -37.64 -0.25 31.83
N HIS B 81 -36.64 -0.32 30.94
CA HIS B 81 -36.92 -0.26 29.51
C HIS B 81 -35.92 -1.15 28.77
N ILE B 82 -36.32 -1.65 27.60
CA ILE B 82 -35.49 -2.55 26.81
C ILE B 82 -34.17 -1.84 26.48
N VAL B 83 -33.08 -2.60 26.53
CA VAL B 83 -31.79 -2.10 26.09
C VAL B 83 -31.61 -2.26 24.59
N SER B 84 -30.60 -1.58 24.05
CA SER B 84 -30.42 -1.49 22.61
C SER B 84 -28.93 -1.31 22.28
N THR B 85 -28.62 -1.36 21.00
CA THR B 85 -27.27 -1.07 20.52
C THR B 85 -27.32 0.09 19.51
N PRO B 86 -27.56 1.31 20.02
CA PRO B 86 -27.47 2.51 19.17
C PRO B 86 -26.05 2.82 18.82
N GLN B 87 -25.88 3.74 17.86
CA GLN B 87 -24.59 4.38 17.69
C GLN B 87 -24.42 5.39 18.83
N ILE B 88 -23.31 5.30 19.56
CA ILE B 88 -23.13 6.11 20.75
C ILE B 88 -21.62 6.21 21.06
N SER B 89 -21.25 7.31 21.69
CA SER B 89 -19.86 7.53 22.04
CA SER B 89 -19.84 7.54 22.08
C SER B 89 -19.41 6.54 23.11
N PRO B 90 -18.15 6.06 23.03
CA PRO B 90 -17.67 5.14 24.05
C PRO B 90 -17.49 5.78 25.42
N THR B 91 -17.58 7.11 25.51
CA THR B 91 -17.47 7.80 26.80
C THR B 91 -18.83 8.05 27.48
N ASP B 92 -19.92 7.70 26.79
CA ASP B 92 -21.26 7.93 27.32
C ASP B 92 -21.48 6.91 28.45
N PRO B 93 -21.76 7.37 29.68
CA PRO B 93 -21.90 6.44 30.80
CA PRO B 93 -21.90 6.44 30.80
C PRO B 93 -23.00 5.41 30.61
N SER B 94 -24.03 5.73 29.81
CA SER B 94 -25.13 4.77 29.63
C SER B 94 -24.73 3.55 28.78
N ALA B 95 -23.58 3.64 28.12
CA ALA B 95 -23.01 2.52 27.34
C ALA B 95 -21.92 1.79 28.14
N ARG B 96 -21.72 2.15 29.40
CA ARG B 96 -20.68 1.54 30.19
C ARG B 96 -21.27 0.73 31.34
N TRP B 97 -20.62 -0.37 31.64
CA TRP B 97 -21.16 -1.39 32.54
C TRP B 97 -20.08 -1.88 33.46
N THR B 98 -20.47 -2.24 34.68
CA THR B 98 -19.62 -2.99 35.57
C THR B 98 -20.12 -4.43 35.64
N ILE B 99 -19.21 -5.36 35.80
CA ILE B 99 -19.53 -6.78 35.77
C ILE B 99 -19.05 -7.32 37.10
N LYS B 100 -19.99 -7.68 37.97
CA LYS B 100 -19.69 -7.97 39.38
CA LYS B 100 -19.67 -7.98 39.37
C LYS B 100 -20.23 -9.35 39.77
N PRO B 101 -19.44 -10.13 40.54
CA PRO B 101 -20.02 -11.39 41.03
C PRO B 101 -21.35 -11.16 41.75
N ALA B 102 -22.33 -12.01 41.48
CA ALA B 102 -23.68 -11.82 42.01
C ALA B 102 -23.71 -12.11 43.50
N THR B 103 -22.90 -13.11 43.89
CA THR B 103 -22.68 -13.51 45.28
C THR B 103 -21.18 -13.59 45.62
N THR B 104 -20.83 -13.57 46.91
CA THR B 104 -19.43 -13.70 47.30
C THR B 104 -18.94 -15.14 47.16
N HIS B 105 -17.62 -15.28 47.09
CA HIS B 105 -16.91 -16.58 47.04
C HIS B 105 -17.21 -17.39 45.77
N GLN B 106 -17.41 -16.71 44.64
CA GLN B 106 -17.56 -17.42 43.37
C GLN B 106 -17.30 -16.46 42.22
N TYR B 107 -17.05 -17.04 41.06
CA TYR B 107 -16.64 -16.28 39.88
C TYR B 107 -17.27 -16.85 38.64
N GLU B 108 -18.53 -17.31 38.80
CA GLU B 108 -19.32 -17.84 37.67
C GLU B 108 -20.62 -17.14 37.34
N VAL B 109 -21.31 -16.54 38.31
CA VAL B 109 -22.53 -15.84 38.07
C VAL B 109 -22.39 -14.35 38.41
N PHE B 110 -22.77 -13.48 37.47
CA PHE B 110 -22.49 -12.02 37.54
C PHE B 110 -23.72 -11.15 37.33
N THR B 111 -23.69 -9.94 37.90
CA THR B 111 -24.61 -8.89 37.55
C THR B 111 -23.89 -7.95 36.58
N ILE B 112 -24.69 -7.35 35.71
CA ILE B 112 -24.20 -6.42 34.69
C ILE B 112 -24.92 -5.11 34.94
N ASN B 113 -24.15 -4.14 35.44
CA ASN B 113 -24.68 -2.95 36.09
C ASN B 113 -24.33 -1.70 35.30
N ASN B 114 -25.33 -0.90 34.95
CA ASN B 114 -25.05 0.29 34.17
C ASN B 114 -24.27 1.30 35.01
N LYS B 115 -23.36 2.03 34.37
CA LYS B 115 -22.62 3.09 35.06
CA LYS B 115 -22.61 3.10 35.05
C LYS B 115 -23.55 4.20 35.53
N VAL B 116 -24.66 4.41 34.83
CA VAL B 116 -25.70 5.34 35.31
C VAL B 116 -26.51 4.52 36.33
N SER B 117 -26.29 4.78 37.63
CA SER B 117 -26.84 3.95 38.70
CA SER B 117 -26.84 3.94 38.68
CA SER B 117 -26.84 3.91 38.67
C SER B 117 -28.35 3.79 38.56
N GLU B 118 -29.03 4.85 38.21
CA GLU B 118 -30.48 4.86 38.14
CA GLU B 118 -30.49 4.80 38.17
C GLU B 118 -31.01 3.94 37.03
N LEU B 119 -30.15 3.65 36.05
CA LEU B 119 -30.55 2.74 34.95
C LEU B 119 -30.48 1.25 35.38
N GLY B 120 -29.73 0.95 36.43
CA GLY B 120 -29.85 -0.37 37.06
C GLY B 120 -29.09 -1.48 36.39
N GLN B 121 -29.71 -2.67 36.39
CA GLN B 121 -29.08 -3.94 36.00
C GLN B 121 -29.70 -4.51 34.75
N LEU B 122 -28.89 -5.21 33.98
CA LEU B 122 -29.37 -5.96 32.83
C LEU B 122 -30.27 -7.11 33.33
N THR B 123 -31.52 -7.16 32.83
CA THR B 123 -32.60 -7.93 33.45
C THR B 123 -33.43 -8.61 32.38
N VAL B 124 -33.80 -9.87 32.55
CA VAL B 124 -34.70 -10.53 31.61
C VAL B 124 -36.11 -10.23 32.06
N LYS B 125 -36.88 -9.58 31.19
CA LYS B 125 -38.25 -9.14 31.52
C LYS B 125 -39.14 -10.28 32.07
N ASP B 126 -39.77 -10.01 33.21
CA ASP B 126 -40.77 -10.93 33.79
C ASP B 126 -40.27 -12.34 34.09
N TYR B 127 -38.96 -12.45 34.32
CA TYR B 127 -38.29 -13.70 34.64
C TYR B 127 -38.52 -14.77 33.59
N SER B 128 -38.73 -14.35 32.34
CA SER B 128 -38.96 -15.33 31.30
C SER B 128 -37.76 -16.29 31.19
N THR B 129 -38.05 -17.55 30.88
CA THR B 129 -37.01 -18.53 30.59
C THR B 129 -37.11 -19.06 29.16
N HIS B 130 -37.86 -18.35 28.33
CA HIS B 130 -38.06 -18.71 26.95
C HIS B 130 -37.56 -17.64 25.99
N SER B 131 -37.29 -18.09 24.78
CA SER B 131 -36.73 -17.23 23.73
C SER B 131 -37.62 -16.04 23.43
N GLY B 132 -36.97 -14.92 23.09
CA GLY B 132 -37.66 -13.73 22.67
C GLY B 132 -38.02 -12.75 23.76
N ALA B 133 -37.51 -12.96 24.97
CA ALA B 133 -37.85 -12.06 26.09
C ALA B 133 -37.07 -10.78 26.00
N ASP B 134 -37.73 -9.65 26.26
CA ASP B 134 -37.04 -8.36 26.26
C ASP B 134 -35.97 -8.36 27.38
N VAL B 135 -34.78 -7.81 27.08
CA VAL B 135 -33.75 -7.58 28.08
C VAL B 135 -33.75 -6.09 28.42
N LEU B 136 -33.98 -5.79 29.69
CA LEU B 136 -34.21 -4.44 30.20
C LEU B 136 -32.99 -3.94 30.97
N SER B 137 -32.90 -2.63 31.08
CA SER B 137 -32.20 -2.01 32.20
C SER B 137 -33.27 -1.73 33.24
N ALA B 138 -33.19 -2.42 34.36
CA ALA B 138 -34.25 -2.33 35.38
C ALA B 138 -33.67 -2.16 36.76
N SER B 139 -34.55 -1.72 37.67
CA SER B 139 -34.18 -1.46 39.06
CA SER B 139 -34.14 -1.46 39.04
C SER B 139 -33.31 -2.61 39.60
N ALA B 140 -32.15 -2.28 40.14
CA ALA B 140 -31.17 -3.30 40.56
C ALA B 140 -31.65 -3.98 41.85
N LYS B 141 -31.80 -5.30 41.78
CA LYS B 141 -32.14 -6.12 42.95
C LYS B 141 -31.23 -7.33 43.14
N THR B 142 -30.34 -7.58 42.18
CA THR B 142 -29.62 -8.85 42.08
C THR B 142 -30.61 -10.02 42.23
N ALA B 143 -31.75 -9.93 41.54
CA ALA B 143 -32.68 -11.04 41.40
C ALA B 143 -32.11 -12.06 40.43
N ASP B 144 -32.76 -13.21 40.34
CA ASP B 144 -32.20 -14.28 39.50
C ASP B 144 -32.29 -13.96 38.00
N ASN B 145 -33.22 -13.11 37.60
CA ASN B 145 -33.31 -12.67 36.21
C ASN B 145 -32.36 -11.50 35.92
N GLN B 146 -31.50 -11.19 36.87
CA GLN B 146 -30.44 -10.20 36.76
C GLN B 146 -29.03 -10.78 36.90
N LYS B 147 -28.95 -12.12 36.75
CA LYS B 147 -27.71 -12.85 36.88
C LYS B 147 -27.35 -13.49 35.53
N TRP B 148 -26.04 -13.55 35.25
CA TRP B 148 -25.57 -13.94 33.91
C TRP B 148 -24.30 -14.74 33.98
N TYR B 149 -24.18 -15.67 33.04
CA TYR B 149 -22.95 -16.40 32.79
C TYR B 149 -22.26 -15.87 31.54
N PHE B 150 -20.94 -16.04 31.50
CA PHE B 150 -20.13 -15.74 30.33
C PHE B 150 -19.51 -17.02 29.77
N ASP B 151 -20.04 -17.46 28.63
CA ASP B 151 -19.58 -18.64 27.93
C ASP B 151 -18.69 -18.24 26.78
N ALA B 152 -17.59 -18.98 26.55
N ALA B 152 -17.58 -18.97 26.62
CA ALA B 152 -16.72 -18.65 25.42
CA ALA B 152 -16.64 -18.74 25.54
C ALA B 152 -15.71 -19.74 25.08
C ALA B 152 -17.39 -18.71 24.24
N LYS B 153 -15.52 -19.92 23.78
N LYS B 153 -17.13 -17.63 23.50
CA LYS B 153 -14.57 -20.86 23.24
CA LYS B 153 -17.91 -17.24 22.34
C LYS B 153 -13.43 -20.12 22.52
C LYS B 153 -17.91 -18.41 21.44
N GLY C 2 14.03 -19.30 -19.89
CA GLY C 2 15.02 -18.74 -18.93
C GLY C 2 15.44 -17.33 -19.30
N PHE C 3 15.85 -16.57 -18.30
CA PHE C 3 16.31 -15.22 -18.51
C PHE C 3 17.77 -15.33 -18.93
N LYS C 4 18.08 -14.80 -20.11
CA LYS C 4 19.48 -14.83 -20.56
C LYS C 4 20.01 -13.45 -20.89
N GLY C 5 19.46 -12.44 -20.25
CA GLY C 5 19.89 -11.06 -20.45
C GLY C 5 18.95 -10.29 -21.37
N VAL C 6 19.48 -9.30 -22.05
CA VAL C 6 18.62 -8.44 -22.87
C VAL C 6 17.88 -9.24 -23.95
N GLY C 7 16.67 -8.81 -24.26
CA GLY C 7 15.84 -9.46 -25.25
C GLY C 7 14.38 -9.28 -24.97
N THR C 8 13.56 -9.88 -25.81
CA THR C 8 12.11 -9.83 -25.69
CA THR C 8 12.11 -9.80 -25.63
C THR C 8 11.61 -11.10 -25.01
N TYR C 9 10.70 -10.94 -24.05
CA TYR C 9 10.21 -12.03 -23.25
C TYR C 9 8.73 -11.90 -22.96
N GLU C 10 8.10 -13.06 -22.72
CA GLU C 10 6.90 -13.12 -21.91
C GLU C 10 7.38 -13.31 -20.50
N ILE C 11 6.74 -12.64 -19.56
CA ILE C 11 7.09 -12.70 -18.14
C ILE C 11 5.91 -13.39 -17.47
N VAL C 12 6.16 -14.54 -16.86
CA VAL C 12 5.11 -15.49 -16.48
C VAL C 12 5.14 -15.75 -14.98
N PRO C 13 3.98 -15.56 -14.30
CA PRO C 13 3.96 -15.75 -12.84
C PRO C 13 4.13 -17.24 -12.47
N TYR C 14 4.99 -17.51 -11.50
CA TYR C 14 5.38 -18.86 -11.12
C TYR C 14 4.20 -19.72 -10.74
N GLN C 15 3.24 -19.15 -10.02
CA GLN C 15 2.09 -19.95 -9.56
C GLN C 15 1.07 -20.23 -10.66
N ALA C 16 1.15 -19.49 -11.76
CA ALA C 16 0.13 -19.59 -12.79
C ALA C 16 0.73 -19.47 -14.18
N PRO C 17 1.50 -20.49 -14.59
CA PRO C 17 2.14 -20.41 -15.92
C PRO C 17 1.21 -20.41 -17.12
N SER C 18 -0.09 -20.59 -16.91
CA SER C 18 -1.07 -20.41 -17.96
C SER C 18 -1.37 -18.93 -18.24
N LEU C 19 -0.74 -18.04 -17.47
CA LEU C 19 -0.92 -16.58 -17.57
C LEU C 19 0.41 -15.89 -17.83
N ASN C 20 0.33 -14.62 -18.24
CA ASN C 20 1.54 -13.80 -18.35
C ASN C 20 1.26 -12.37 -17.89
N LEU C 21 2.34 -11.59 -17.88
CA LEU C 21 2.29 -10.18 -17.46
C LEU C 21 1.76 -9.36 -18.63
N ASN C 22 0.71 -8.60 -18.41
CA ASN C 22 -0.03 -7.98 -19.52
C ASN C 22 -0.39 -6.53 -19.21
N ALA C 23 -0.06 -5.63 -20.13
CA ALA C 23 -0.49 -4.22 -19.99
C ALA C 23 -1.93 -4.10 -20.41
N TRP C 24 -2.75 -3.78 -19.42
CA TRP C 24 -4.17 -3.97 -19.51
C TRP C 24 -4.81 -3.14 -20.62
N GLU C 25 -5.51 -3.85 -21.49
CA GLU C 25 -6.22 -3.32 -22.67
CA GLU C 25 -6.22 -3.32 -22.67
C GLU C 25 -5.34 -3.04 -23.88
N GLY C 26 -4.02 -3.13 -23.72
CA GLY C 26 -3.11 -3.05 -24.88
C GLY C 26 -3.23 -1.79 -25.74
N LYS C 27 -3.41 -0.63 -25.09
CA LYS C 27 -3.54 0.63 -25.79
CA LYS C 27 -3.54 0.63 -25.79
C LYS C 27 -2.22 1.38 -25.86
N LEU C 28 -2.16 2.38 -26.71
CA LEU C 28 -0.97 3.21 -26.82
C LEU C 28 -0.95 4.40 -25.84
N GLU C 29 -2.07 4.65 -25.18
CA GLU C 29 -2.12 5.68 -24.14
C GLU C 29 -1.25 5.26 -22.98
N PRO C 30 -0.39 6.18 -22.47
CA PRO C 30 0.41 5.82 -21.32
C PRO C 30 -0.41 5.63 -20.06
N GLY C 31 0.14 4.87 -19.11
CA GLY C 31 -0.48 4.73 -17.82
C GLY C 31 -1.26 3.48 -17.55
N ALA C 32 -1.21 2.52 -18.48
CA ALA C 32 -1.93 1.25 -18.28
C ALA C 32 -1.46 0.59 -16.99
N VAL C 33 -2.39 0.02 -16.23
CA VAL C 33 -1.96 -0.88 -15.17
C VAL C 33 -1.62 -2.26 -15.74
N VAL C 34 -0.91 -3.04 -14.93
CA VAL C 34 -0.41 -4.32 -15.35
C VAL C 34 -1.02 -5.42 -14.49
N ARG C 35 -1.53 -6.44 -15.16
CA ARG C 35 -2.20 -7.54 -14.50
C ARG C 35 -1.73 -8.84 -15.16
N THR C 36 -2.02 -9.96 -14.51
CA THR C 36 -1.85 -11.24 -15.19
C THR C 36 -3.02 -11.41 -16.15
N TYR C 37 -2.77 -12.15 -17.22
CA TYR C 37 -3.80 -12.46 -18.21
C TYR C 37 -3.49 -13.74 -18.94
N THR C 38 -4.56 -14.36 -19.43
CA THR C 38 -4.45 -15.55 -20.26
C THR C 38 -3.35 -15.44 -21.31
N ARG C 39 -2.48 -16.44 -21.44
CA ARG C 39 -1.37 -16.33 -22.44
C ARG C 39 -1.78 -16.48 -23.90
N GLY C 40 -2.64 -17.45 -24.19
CA GLY C 40 -2.93 -17.75 -25.61
C GLY C 40 -1.84 -18.65 -26.17
N ASP C 41 -1.85 -18.91 -27.48
CA ASP C 41 -0.76 -19.74 -28.05
C ASP C 41 0.46 -18.88 -28.40
N LYS C 42 0.19 -17.66 -28.89
CA LYS C 42 1.22 -16.70 -29.22
CA LYS C 42 1.24 -16.70 -29.18
C LYS C 42 0.89 -15.41 -28.46
N PRO C 43 1.84 -14.88 -27.70
CA PRO C 43 1.45 -13.71 -26.93
C PRO C 43 1.25 -12.46 -27.76
N SER C 44 0.31 -11.62 -27.31
CA SER C 44 0.08 -10.33 -27.96
C SER C 44 1.20 -9.35 -27.56
N ASP C 45 1.43 -8.29 -28.35
CA ASP C 45 2.56 -7.39 -28.13
C ASP C 45 2.41 -6.62 -26.79
N ASN C 46 1.19 -6.47 -26.27
CA ASN C 46 1.00 -5.86 -24.95
C ASN C 46 1.37 -6.78 -23.79
N ALA C 47 1.65 -8.04 -24.11
CA ALA C 47 2.11 -9.06 -23.16
C ALA C 47 3.53 -9.56 -23.52
N LYS C 48 4.28 -8.74 -24.27
CA LYS C 48 5.69 -9.01 -24.53
C LYS C 48 6.46 -7.79 -24.03
N TRP C 49 7.65 -8.07 -23.51
CA TRP C 49 8.43 -7.05 -22.84
C TRP C 49 9.86 -7.13 -23.31
N GLN C 50 10.39 -5.97 -23.70
CA GLN C 50 11.80 -5.84 -23.99
C GLN C 50 12.54 -5.54 -22.71
N VAL C 51 13.42 -6.47 -22.31
CA VAL C 51 14.32 -6.22 -21.20
C VAL C 51 15.55 -5.54 -21.80
N ALA C 52 15.81 -4.33 -21.33
CA ALA C 52 16.84 -3.45 -21.90
C ALA C 52 17.80 -3.00 -20.81
N LEU C 53 19.07 -3.34 -20.98
CA LEU C 53 20.08 -3.02 -19.96
C LEU C 53 20.37 -1.54 -19.96
N VAL C 54 20.34 -0.92 -18.78
CA VAL C 54 20.62 0.51 -18.65
C VAL C 54 21.81 0.87 -17.75
N ALA C 55 22.20 -0.04 -16.85
CA ALA C 55 23.39 0.18 -16.06
C ALA C 55 23.96 -1.14 -15.56
N GLY C 56 25.25 -1.16 -15.31
CA GLY C 56 25.87 -2.33 -14.71
C GLY C 56 26.01 -3.51 -15.64
N SER C 57 26.27 -4.68 -15.08
N SER C 57 26.23 -4.65 -15.00
CA SER C 57 26.42 -5.90 -15.88
CA SER C 57 26.28 -5.98 -15.61
C SER C 57 26.39 -7.09 -14.95
C SER C 57 26.22 -6.97 -14.45
N GLY C 58 26.00 -8.25 -15.47
N GLY C 58 25.88 -8.22 -14.73
CA GLY C 58 25.87 -9.46 -14.64
CA GLY C 58 25.73 -9.24 -13.68
C GLY C 58 25.17 -9.17 -13.32
C GLY C 58 24.41 -9.14 -12.94
N ASP C 59 25.92 -9.25 -12.22
N ASP C 59 24.27 -9.84 -11.81
CA ASP C 59 25.39 -9.07 -10.87
CA ASP C 59 23.02 -9.86 -11.06
C ASP C 59 24.91 -7.68 -10.53
C ASP C 59 22.58 -8.48 -10.59
N SER C 60 25.40 -6.68 -11.26
N SER C 60 23.55 -7.57 -10.45
CA SER C 60 24.98 -5.30 -11.01
CA SER C 60 23.27 -6.22 -10.02
C SER C 60 24.07 -4.76 -12.09
C SER C 60 22.84 -5.35 -11.20
N ALA C 61 23.58 -5.63 -12.98
N ALA C 61 22.95 -5.91 -12.40
CA ALA C 61 22.66 -5.19 -14.05
CA ALA C 61 22.62 -5.16 -13.62
C ALA C 61 21.35 -4.58 -13.54
C ALA C 61 21.24 -4.57 -13.49
N GLU C 62 21.01 -3.41 -14.10
CA GLU C 62 19.71 -2.75 -13.96
C GLU C 62 19.08 -2.68 -15.35
N TYR C 63 17.77 -2.90 -15.41
CA TYR C 63 17.06 -3.00 -16.67
C TYR C 63 15.80 -2.14 -16.66
N LEU C 64 15.46 -1.62 -17.85
CA LEU C 64 14.09 -1.24 -18.15
C LEU C 64 13.38 -2.48 -18.67
N ILE C 65 12.09 -2.56 -18.35
CA ILE C 65 11.21 -3.60 -18.84
C ILE C 65 10.14 -2.90 -19.65
N ILE C 66 10.33 -2.90 -20.98
CA ILE C 66 9.64 -2.00 -21.90
C ILE C 66 8.53 -2.75 -22.61
N ASN C 67 7.31 -2.25 -22.52
CA ASN C 67 6.20 -2.92 -23.22
C ASN C 67 6.45 -2.90 -24.73
N VAL C 68 6.37 -4.05 -25.37
CA VAL C 68 6.62 -4.10 -26.81
C VAL C 68 5.60 -3.29 -27.63
N HIS C 69 4.34 -3.28 -27.24
CA HIS C 69 3.31 -2.57 -28.03
C HIS C 69 3.44 -1.05 -27.82
N SER C 70 3.54 -0.61 -26.56
CA SER C 70 3.42 0.82 -26.28
C SER C 70 4.75 1.57 -26.19
N GLY C 71 5.81 0.84 -25.89
CA GLY C 71 7.11 1.42 -25.60
C GLY C 71 7.26 2.05 -24.24
N TYR C 72 6.26 1.95 -23.37
CA TYR C 72 6.35 2.51 -22.03
C TYR C 72 6.99 1.49 -21.04
N PHE C 73 7.53 2.05 -19.95
CA PHE C 73 8.35 1.30 -19.02
C PHE C 73 7.55 0.85 -17.81
N LEU C 74 7.66 -0.42 -17.48
CA LEU C 74 7.13 -0.96 -16.23
C LEU C 74 7.68 -0.17 -15.06
N THR C 75 6.78 0.32 -14.23
CA THR C 75 7.13 1.26 -13.17
C THR C 75 6.33 0.94 -11.91
N ALA C 76 7.00 1.06 -10.75
CA ALA C 76 6.36 1.00 -9.44
C ALA C 76 6.13 2.44 -8.99
N THR C 77 4.93 2.71 -8.52
CA THR C 77 4.58 4.02 -8.00
C THR C 77 4.55 4.06 -6.49
N LYS C 78 3.95 3.06 -5.86
CA LYS C 78 3.91 2.96 -4.41
C LYS C 78 4.00 1.49 -3.99
N GLU C 79 4.61 1.24 -2.84
CA GLU C 79 4.70 -0.09 -2.31
C GLU C 79 3.30 -0.65 -2.02
N ASN C 80 3.12 -1.93 -2.33
CA ASN C 80 1.83 -2.61 -2.19
C ASN C 80 0.68 -2.01 -3.01
N HIS C 81 1.04 -1.38 -4.13
CA HIS C 81 0.11 -0.89 -5.14
C HIS C 81 0.46 -1.47 -6.50
N ILE C 82 -0.52 -1.43 -7.39
CA ILE C 82 -0.40 -2.01 -8.74
C ILE C 82 0.73 -1.27 -9.51
N VAL C 83 1.45 -2.01 -10.33
CA VAL C 83 2.44 -1.44 -11.23
C VAL C 83 1.76 -0.99 -12.51
N SER C 84 2.44 -0.15 -13.27
CA SER C 84 1.85 0.42 -14.46
C SER C 84 2.94 0.76 -15.48
N THR C 85 2.51 1.25 -16.65
CA THR C 85 3.45 1.68 -17.68
C THR C 85 3.16 3.13 -18.07
N PRO C 86 3.48 4.07 -17.16
CA PRO C 86 3.35 5.49 -17.43
C PRO C 86 4.42 5.96 -18.39
N GLN C 87 4.23 7.17 -18.91
CA GLN C 87 5.33 7.88 -19.56
C GLN C 87 6.25 8.32 -18.42
N ILE C 88 7.53 7.93 -18.50
CA ILE C 88 8.48 8.20 -17.42
C ILE C 88 9.89 8.22 -18.00
N SER C 89 10.75 9.00 -17.34
CA SER C 89 12.15 9.06 -17.74
C SER C 89 12.83 7.71 -17.58
N PRO C 90 13.71 7.33 -18.52
CA PRO C 90 14.52 6.13 -18.37
C PRO C 90 15.52 6.18 -17.21
N THR C 91 15.75 7.36 -16.65
CA THR C 91 16.66 7.51 -15.52
C THR C 91 15.92 7.50 -14.19
N ASP C 92 14.60 7.44 -14.21
CA ASP C 92 13.86 7.33 -12.93
C ASP C 92 14.08 5.97 -12.33
N PRO C 93 14.58 5.89 -11.08
CA PRO C 93 14.88 4.55 -10.56
C PRO C 93 13.67 3.66 -10.35
N SER C 94 12.48 4.27 -10.22
CA SER C 94 11.23 3.50 -10.05
C SER C 94 10.81 2.75 -11.33
N ALA C 95 11.47 3.07 -12.45
CA ALA C 95 11.28 2.35 -13.72
C ALA C 95 12.43 1.38 -13.97
N ARG C 96 13.32 1.19 -13.02
CA ARG C 96 14.47 0.31 -13.21
C ARG C 96 14.36 -0.90 -12.30
N TRP C 97 14.81 -2.05 -12.78
CA TRP C 97 14.60 -3.33 -12.11
C TRP C 97 15.85 -4.18 -12.18
N THR C 98 16.04 -5.00 -11.15
CA THR C 98 17.03 -6.06 -11.21
C THR C 98 16.30 -7.39 -11.32
N ILE C 99 16.95 -8.34 -11.98
CA ILE C 99 16.34 -9.64 -12.25
C ILE C 99 17.35 -10.64 -11.68
N LYS C 100 16.91 -11.36 -10.65
CA LYS C 100 17.80 -12.21 -9.84
CA LYS C 100 17.81 -12.20 -9.86
C LYS C 100 17.21 -13.60 -9.69
N PRO C 101 18.05 -14.65 -9.76
CA PRO C 101 17.54 -15.98 -9.44
C PRO C 101 16.85 -16.02 -8.08
N ALA C 102 15.71 -16.69 -8.00
CA ALA C 102 14.92 -16.74 -6.77
C ALA C 102 15.65 -17.47 -5.65
N THR C 103 16.37 -18.53 -6.02
CA THR C 103 17.06 -19.38 -5.04
C THR C 103 18.47 -19.70 -5.54
N GLU C 108 16.05 -20.28 -14.49
CA GLU C 108 14.82 -20.96 -14.10
C GLU C 108 13.77 -20.00 -13.52
N VAL C 109 13.86 -19.69 -12.23
CA VAL C 109 12.86 -18.87 -11.56
C VAL C 109 13.53 -17.62 -10.97
N PHE C 110 12.88 -16.45 -11.13
CA PHE C 110 13.52 -15.14 -10.86
C PHE C 110 12.62 -14.24 -10.04
N THR C 111 13.24 -13.33 -9.29
CA THR C 111 12.51 -12.22 -8.75
C THR C 111 12.82 -10.98 -9.62
N ILE C 112 11.89 -10.04 -9.60
CA ILE C 112 11.98 -8.81 -10.39
C ILE C 112 11.82 -7.66 -9.38
N ASN C 113 12.94 -7.03 -9.12
CA ASN C 113 13.11 -6.17 -7.94
C ASN C 113 13.30 -4.72 -8.34
N ASN C 114 12.51 -3.83 -7.78
CA ASN C 114 12.64 -2.44 -8.16
C ASN C 114 13.96 -1.87 -7.67
N LYS C 115 14.56 -0.96 -8.45
CA LYS C 115 15.79 -0.29 -7.99
C LYS C 115 15.56 0.51 -6.72
N VAL C 116 14.36 1.06 -6.54
CA VAL C 116 14.00 1.72 -5.27
C VAL C 116 13.60 0.61 -4.26
N SER C 117 14.48 0.24 -3.33
CA SER C 117 14.26 -0.93 -2.54
C SER C 117 12.93 -0.83 -1.75
N GLU C 118 12.53 0.38 -1.33
CA GLU C 118 11.27 0.54 -0.58
CA GLU C 118 11.27 0.56 -0.59
C GLU C 118 10.04 0.14 -1.41
N LEU C 119 10.16 0.15 -2.74
CA LEU C 119 9.03 -0.18 -3.61
C LEU C 119 8.84 -1.70 -3.79
N GLY C 120 9.87 -2.49 -3.48
CA GLY C 120 9.72 -3.92 -3.44
C GLY C 120 9.89 -4.61 -4.78
N GLN C 121 9.21 -5.72 -4.94
CA GLN C 121 9.38 -6.58 -6.12
C GLN C 121 8.04 -6.94 -6.71
N LEU C 122 8.03 -7.42 -7.95
CA LEU C 122 6.79 -7.74 -8.59
C LEU C 122 6.12 -8.93 -7.92
N THR C 123 4.84 -8.76 -7.62
CA THR C 123 4.08 -9.64 -6.76
C THR C 123 2.64 -9.76 -7.30
N VAL C 124 2.14 -10.99 -7.46
CA VAL C 124 0.76 -11.15 -7.88
C VAL C 124 -0.19 -11.00 -6.70
N LYS C 125 -1.12 -10.03 -6.77
CA LYS C 125 -2.00 -9.77 -5.64
C LYS C 125 -2.74 -11.02 -5.16
N ASP C 126 -2.70 -11.24 -3.84
CA ASP C 126 -3.49 -12.30 -3.18
C ASP C 126 -3.17 -13.72 -3.66
N TYR C 127 -1.93 -13.91 -4.12
CA TYR C 127 -1.48 -15.18 -4.65
C TYR C 127 -2.44 -15.76 -5.72
N SER C 128 -3.04 -14.90 -6.53
CA SER C 128 -4.01 -15.38 -7.52
C SER C 128 -3.38 -16.21 -8.61
N THR C 129 -4.07 -17.27 -9.01
CA THR C 129 -3.71 -18.03 -10.19
C THR C 129 -4.68 -17.89 -11.34
N HIS C 130 -5.55 -16.87 -11.29
CA HIS C 130 -6.56 -16.64 -12.32
C HIS C 130 -6.29 -15.35 -13.07
N SER C 131 -6.72 -15.31 -14.31
CA SER C 131 -6.55 -14.17 -15.22
C SER C 131 -7.14 -12.90 -14.58
N GLY C 132 -6.46 -11.77 -14.80
CA GLY C 132 -6.95 -10.48 -14.36
C GLY C 132 -6.51 -10.04 -12.97
N ALA C 133 -5.49 -10.71 -12.42
CA ALA C 133 -4.98 -10.38 -11.06
C ALA C 133 -4.04 -9.18 -11.15
N ASP C 134 -4.19 -8.23 -10.24
CA ASP C 134 -3.30 -7.09 -10.16
C ASP C 134 -1.89 -7.54 -9.86
N VAL C 135 -0.93 -6.94 -10.56
CA VAL C 135 0.46 -7.18 -10.26
C VAL C 135 0.97 -5.97 -9.51
N LEU C 136 1.43 -6.22 -8.30
CA LEU C 136 1.87 -5.17 -7.38
C LEU C 136 3.39 -5.07 -7.32
N SER C 137 3.88 -3.96 -6.81
CA SER C 137 5.26 -3.94 -6.32
CA SER C 137 5.25 -3.87 -6.32
C SER C 137 5.15 -3.92 -4.80
N ALA C 138 5.59 -5.00 -4.16
CA ALA C 138 5.39 -5.19 -2.72
C ALA C 138 6.69 -5.72 -2.11
N SER C 139 6.89 -5.46 -0.82
CA SER C 139 8.13 -5.85 -0.18
CA SER C 139 8.13 -5.85 -0.18
C SER C 139 8.38 -7.37 -0.31
N ALA C 140 9.64 -7.74 -0.48
CA ALA C 140 10.03 -9.15 -0.61
C ALA C 140 9.67 -9.98 0.60
N LYS C 141 9.05 -11.13 0.37
CA LYS C 141 8.67 -12.04 1.46
C LYS C 141 9.12 -13.49 1.24
N THR C 142 9.97 -13.72 0.22
CA THR C 142 10.32 -15.05 -0.28
C THR C 142 9.08 -15.90 -0.64
N ALA C 143 8.04 -15.26 -1.20
CA ALA C 143 6.79 -15.93 -1.47
C ALA C 143 6.73 -16.38 -2.93
N ASP C 144 5.95 -17.42 -3.17
CA ASP C 144 5.84 -17.98 -4.51
C ASP C 144 5.15 -17.02 -5.50
N ASN C 145 4.33 -16.09 -5.01
CA ASN C 145 3.69 -15.10 -5.88
C ASN C 145 4.62 -13.94 -6.24
N GLN C 146 5.89 -14.05 -5.84
CA GLN C 146 6.95 -13.09 -6.17
C GLN C 146 8.01 -13.70 -7.06
N LYS C 147 7.70 -14.89 -7.60
CA LYS C 147 8.60 -15.61 -8.49
C LYS C 147 8.08 -15.60 -9.93
N TRP C 148 8.99 -15.52 -10.90
CA TRP C 148 8.62 -15.34 -12.30
C TRP C 148 9.49 -16.18 -13.22
N TYR C 149 8.90 -16.63 -14.32
CA TYR C 149 9.64 -17.20 -15.41
C TYR C 149 9.79 -16.14 -16.51
N PHE C 150 10.87 -16.26 -17.25
CA PHE C 150 11.14 -15.47 -18.47
C PHE C 150 11.19 -16.40 -19.64
N ASP C 151 10.27 -16.23 -20.58
CA ASP C 151 10.21 -17.07 -21.76
CA ASP C 151 10.18 -17.07 -21.76
C ASP C 151 10.58 -16.22 -22.96
N ALA C 152 11.69 -16.57 -23.60
CA ALA C 152 12.21 -15.75 -24.69
C ALA C 152 11.28 -15.84 -25.86
N LYS C 153 11.05 -14.69 -26.48
CA LYS C 153 10.14 -14.53 -27.60
C LYS C 153 10.80 -13.56 -28.58
N GLY D 2 32.26 9.53 -21.49
CA GLY D 2 32.97 8.56 -22.37
C GLY D 2 32.07 7.36 -22.53
N PHE D 3 32.14 6.70 -23.69
CA PHE D 3 31.23 5.58 -24.00
C PHE D 3 31.70 4.29 -23.31
N LYS D 4 30.81 3.69 -22.53
CA LYS D 4 31.11 2.42 -21.87
C LYS D 4 29.99 1.50 -22.14
N GLY D 5 29.29 1.74 -23.24
CA GLY D 5 28.06 1.04 -23.52
C GLY D 5 26.94 1.77 -22.82
N VAL D 6 26.14 1.02 -22.09
CA VAL D 6 24.90 1.58 -21.55
C VAL D 6 25.20 2.70 -20.59
N GLY D 7 24.33 3.73 -20.61
CA GLY D 7 24.51 4.90 -19.79
C GLY D 7 23.69 6.06 -20.27
N THR D 8 23.73 7.15 -19.49
CA THR D 8 23.08 8.41 -19.84
C THR D 8 24.12 9.37 -20.32
N TYR D 9 23.89 9.94 -21.49
CA TYR D 9 24.87 10.81 -22.13
C TYR D 9 24.31 12.06 -22.76
N GLU D 10 25.18 13.08 -22.90
CA GLU D 10 25.02 14.05 -23.96
C GLU D 10 25.75 13.54 -25.18
N ILE D 11 25.11 13.61 -26.33
CA ILE D 11 25.65 13.12 -27.60
C ILE D 11 26.04 14.36 -28.39
N VAL D 12 27.34 14.51 -28.62
CA VAL D 12 27.91 15.79 -29.02
C VAL D 12 28.52 15.66 -30.41
N PRO D 13 28.10 16.51 -31.36
CA PRO D 13 28.64 16.39 -32.74
C PRO D 13 30.11 16.79 -32.82
N TYR D 14 30.89 15.98 -33.51
CA TYR D 14 32.31 16.15 -33.68
C TYR D 14 32.69 17.53 -34.22
N GLN D 15 31.95 18.06 -35.18
CA GLN D 15 32.29 19.38 -35.76
C GLN D 15 31.86 20.59 -34.94
N ALA D 16 31.01 20.38 -33.94
CA ALA D 16 30.41 21.48 -33.20
C ALA D 16 30.28 21.04 -31.74
N PRO D 17 31.44 20.87 -31.06
CA PRO D 17 31.43 20.33 -29.71
C PRO D 17 30.80 21.17 -28.62
N SER D 18 30.47 22.43 -28.87
CA SER D 18 29.68 23.23 -27.94
C SER D 18 28.19 22.99 -28.04
N LEU D 19 27.79 22.08 -28.94
CA LEU D 19 26.38 21.71 -29.13
C LEU D 19 26.18 20.24 -28.71
N ASN D 20 24.90 19.88 -28.58
CA ASN D 20 24.53 18.48 -28.42
C ASN D 20 23.25 18.14 -29.17
N LEU D 21 22.92 16.87 -29.14
CA LEU D 21 21.70 16.31 -29.75
C LEU D 21 20.49 16.63 -28.85
N ASN D 22 19.52 17.33 -29.40
CA ASN D 22 18.47 17.97 -28.65
C ASN D 22 17.09 17.65 -29.26
N ALA D 23 16.18 17.12 -28.46
CA ALA D 23 14.77 16.89 -28.89
C ALA D 23 14.06 18.24 -28.82
N TRP D 24 13.75 18.77 -30.00
CA TRP D 24 13.39 20.17 -30.17
C TRP D 24 12.14 20.55 -29.40
N GLU D 25 12.28 21.56 -28.53
CA GLU D 25 11.21 22.15 -27.69
C GLU D 25 10.99 21.40 -26.38
N GLY D 26 11.55 20.20 -26.28
CA GLY D 26 11.57 19.46 -25.01
C GLY D 26 10.19 19.21 -24.39
N LYS D 27 9.22 18.89 -25.23
CA LYS D 27 7.87 18.59 -24.76
CA LYS D 27 7.86 18.60 -24.78
C LYS D 27 7.68 17.09 -24.51
N LEU D 28 6.62 16.76 -23.81
CA LEU D 28 6.36 15.35 -23.51
C LEU D 28 5.62 14.63 -24.62
N GLU D 29 5.00 15.34 -25.55
CA GLU D 29 4.28 14.70 -26.64
C GLU D 29 5.24 13.97 -27.57
N PRO D 30 4.83 12.81 -28.14
CA PRO D 30 5.71 12.12 -29.05
C PRO D 30 5.90 12.88 -30.32
N GLY D 31 7.01 12.61 -30.98
CA GLY D 31 7.22 13.03 -32.37
C GLY D 31 8.13 14.23 -32.53
N ALA D 32 8.81 14.68 -31.48
CA ALA D 32 9.81 15.76 -31.60
C ALA D 32 10.81 15.44 -32.67
N VAL D 33 11.20 16.45 -33.46
CA VAL D 33 12.33 16.27 -34.29
C VAL D 33 13.61 16.57 -33.47
N VAL D 34 14.74 16.15 -33.99
CA VAL D 34 15.99 16.29 -33.29
C VAL D 34 16.90 17.26 -34.09
N ARG D 35 17.47 18.22 -33.37
CA ARG D 35 18.40 19.21 -33.94
C ARG D 35 19.62 19.36 -33.03
N THR D 36 20.69 19.94 -33.54
CA THR D 36 21.74 20.38 -32.62
C THR D 36 21.30 21.63 -31.87
N TYR D 37 21.81 21.78 -30.66
CA TYR D 37 21.53 22.98 -29.87
C TYR D 37 22.65 23.16 -28.84
N THR D 38 22.89 24.40 -28.47
CA THR D 38 23.87 24.77 -27.45
C THR D 38 23.82 23.81 -26.26
N ARG D 39 24.97 23.29 -25.84
CA ARG D 39 25.04 22.49 -24.63
C ARG D 39 24.52 23.20 -23.37
N GLY D 40 24.94 24.44 -23.19
CA GLY D 40 24.70 25.15 -21.95
C GLY D 40 25.66 24.70 -20.89
N ASP D 41 25.59 25.34 -19.74
CA ASP D 41 26.46 24.98 -18.63
C ASP D 41 26.09 23.63 -18.01
N LYS D 42 24.83 23.23 -18.14
CA LYS D 42 24.36 21.93 -17.69
C LYS D 42 23.28 21.50 -18.69
N PRO D 43 23.22 20.20 -18.98
CA PRO D 43 22.30 19.78 -20.05
C PRO D 43 20.84 19.84 -19.60
N SER D 44 19.96 20.20 -20.52
CA SER D 44 18.52 20.06 -20.25
C SER D 44 18.14 18.58 -20.48
N ASP D 45 17.05 18.12 -19.87
CA ASP D 45 16.76 16.69 -19.91
C ASP D 45 16.38 16.23 -21.30
N ASN D 46 15.86 17.14 -22.14
CA ASN D 46 15.55 16.83 -23.54
C ASN D 46 16.81 16.71 -24.43
N ALA D 47 17.96 16.97 -23.83
CA ALA D 47 19.25 16.86 -24.51
C ALA D 47 20.15 15.87 -23.78
N LYS D 48 19.53 14.99 -22.99
CA LYS D 48 20.19 13.83 -22.41
CA LYS D 48 20.20 13.83 -22.43
C LYS D 48 19.54 12.58 -22.98
N TRP D 49 20.35 11.55 -23.21
CA TRP D 49 19.88 10.33 -23.86
C TRP D 49 20.37 9.10 -23.10
N GLN D 50 19.46 8.17 -22.83
CA GLN D 50 19.81 6.88 -22.28
C GLN D 50 20.07 5.88 -23.37
N VAL D 51 21.33 5.41 -23.44
CA VAL D 51 21.71 4.32 -24.32
C VAL D 51 21.39 3.03 -23.59
N ALA D 52 20.49 2.25 -24.17
CA ALA D 52 19.99 1.03 -23.53
C ALA D 52 20.20 -0.15 -24.46
N LEU D 53 20.91 -1.17 -23.96
CA LEU D 53 21.21 -2.36 -24.77
C LEU D 53 19.96 -3.22 -24.93
N VAL D 54 19.60 -3.53 -26.18
CA VAL D 54 18.46 -4.41 -26.46
C VAL D 54 18.78 -5.77 -27.13
N ALA D 55 19.94 -5.90 -27.73
CA ALA D 55 20.35 -7.15 -28.34
C ALA D 55 21.83 -7.20 -28.46
N GLY D 56 22.35 -8.42 -28.43
CA GLY D 56 23.77 -8.65 -28.74
C GLY D 56 24.73 -8.09 -27.72
N SER D 57 26.01 -8.03 -28.05
N SER D 57 25.97 -7.90 -28.22
CA SER D 57 26.98 -7.60 -27.05
CA SER D 57 27.14 -7.33 -27.51
C SER D 57 28.26 -7.35 -27.78
C SER D 57 28.25 -6.83 -28.47
N GLY D 58 29.12 -6.51 -27.20
N GLY D 58 29.16 -6.02 -27.95
CA GLY D 58 30.32 -6.06 -27.88
CA GLY D 58 30.30 -5.54 -28.73
C GLY D 58 29.99 -5.71 -29.32
C GLY D 58 29.93 -4.45 -29.72
N ASP D 59 30.65 -6.42 -30.24
N ASP D 59 30.68 -4.37 -30.82
CA ASP D 59 30.47 -6.24 -31.70
CA ASP D 59 30.45 -3.34 -31.84
C ASP D 59 29.06 -6.30 -32.24
C ASP D 59 29.12 -3.50 -32.58
N SER D 60 28.18 -7.08 -31.59
N SER D 60 28.61 -4.73 -32.63
CA SER D 60 26.82 -7.27 -32.10
CA SER D 60 27.37 -5.03 -33.34
C SER D 60 25.77 -6.44 -31.35
C SER D 60 26.18 -4.92 -32.39
N ALA D 61 26.23 -5.54 -30.48
N ALA D 61 26.46 -4.56 -31.15
CA ALA D 61 25.31 -4.67 -29.72
CA ALA D 61 25.41 -4.49 -30.13
C ALA D 61 24.39 -3.79 -30.60
C ALA D 61 24.35 -3.54 -30.61
N GLU D 62 23.10 -3.80 -30.26
CA GLU D 62 22.06 -2.92 -30.74
C GLU D 62 21.47 -2.18 -29.52
N TYR D 63 21.22 -0.89 -29.68
CA TYR D 63 20.80 -0.02 -28.64
C TYR D 63 19.56 0.78 -29.02
N LEU D 64 18.71 1.02 -28.05
CA LEU D 64 17.81 2.16 -28.08
C LEU D 64 18.56 3.41 -27.56
N ILE D 65 18.22 4.56 -28.13
CA ILE D 65 18.71 5.84 -27.67
C ILE D 65 17.48 6.65 -27.22
N ILE D 66 17.28 6.67 -25.91
CA ILE D 66 16.00 7.05 -25.33
C ILE D 66 16.07 8.46 -24.76
N ASN D 67 15.19 9.35 -25.18
CA ASN D 67 15.22 10.71 -24.63
C ASN D 67 14.95 10.70 -23.12
N VAL D 68 15.78 11.39 -22.33
CA VAL D 68 15.62 11.36 -20.88
C VAL D 68 14.35 12.06 -20.43
N HIS D 69 13.98 13.14 -21.09
CA HIS D 69 12.80 13.86 -20.71
C HIS D 69 11.49 13.12 -21.07
N SER D 70 11.40 12.65 -22.31
CA SER D 70 10.12 12.13 -22.83
C SER D 70 9.99 10.64 -22.77
N GLY D 71 11.13 9.94 -22.68
CA GLY D 71 11.19 8.48 -22.74
C GLY D 71 10.95 7.92 -24.13
N TYR D 72 10.83 8.78 -25.15
CA TYR D 72 10.66 8.29 -26.54
C TYR D 72 11.99 7.98 -27.20
N PHE D 73 11.94 7.13 -28.22
CA PHE D 73 13.16 6.54 -28.80
C PHE D 73 13.58 7.27 -30.06
N LEU D 74 14.87 7.59 -30.18
CA LEU D 74 15.44 8.18 -31.40
C LEU D 74 15.17 7.23 -32.56
N THR D 75 14.52 7.72 -33.61
CA THR D 75 14.08 6.87 -34.72
C THR D 75 14.38 7.56 -36.02
N ALA D 76 14.81 6.77 -37.00
CA ALA D 76 14.95 7.17 -38.40
C ALA D 76 13.68 6.77 -39.12
N THR D 77 13.05 7.72 -39.78
CA THR D 77 11.76 7.43 -40.47
C THR D 77 11.90 7.39 -41.98
N LYS D 78 12.89 8.10 -42.53
CA LYS D 78 13.07 8.19 -43.99
C LYS D 78 14.54 8.42 -44.32
N GLU D 79 14.98 7.92 -45.47
CA GLU D 79 16.31 8.21 -45.99
C GLU D 79 16.52 9.71 -46.18
N ASN D 80 17.68 10.19 -45.75
CA ASN D 80 18.08 11.57 -45.88
C ASN D 80 17.01 12.53 -45.34
N HIS D 81 16.58 12.28 -44.10
CA HIS D 81 15.44 12.98 -43.53
C HIS D 81 15.72 13.17 -42.03
N ILE D 82 15.12 14.20 -41.46
CA ILE D 82 15.31 14.52 -40.03
C ILE D 82 14.86 13.32 -39.18
N VAL D 83 15.62 13.05 -38.13
CA VAL D 83 15.23 12.03 -37.15
C VAL D 83 14.29 12.63 -36.11
N SER D 84 13.62 11.73 -35.39
CA SER D 84 12.59 12.13 -34.47
C SER D 84 12.49 11.16 -33.30
N THR D 85 11.67 11.52 -32.34
CA THR D 85 11.37 10.63 -31.22
C THR D 85 9.86 10.32 -31.16
N PRO D 86 9.37 9.51 -32.10
CA PRO D 86 7.95 9.12 -32.07
C PRO D 86 7.70 8.09 -31.00
N GLN D 87 6.42 7.83 -30.70
CA GLN D 87 6.07 6.63 -29.95
C GLN D 87 6.26 5.43 -30.86
N ILE D 88 7.06 4.46 -30.41
CA ILE D 88 7.39 3.32 -31.28
C ILE D 88 7.79 2.12 -30.44
N SER D 89 7.57 0.93 -30.99
CA SER D 89 7.93 -0.30 -30.28
CA SER D 89 7.94 -0.29 -30.28
C SER D 89 9.45 -0.40 -30.14
N PRO D 90 9.93 -0.91 -29.00
CA PRO D 90 11.36 -1.16 -28.85
C PRO D 90 11.92 -2.22 -29.75
N THR D 91 11.06 -3.01 -30.40
CA THR D 91 11.53 -4.04 -31.34
C THR D 91 11.60 -3.53 -32.77
N ASP D 92 11.20 -2.29 -33.02
CA ASP D 92 11.18 -1.77 -34.38
C ASP D 92 12.61 -1.46 -34.78
N PRO D 93 13.10 -2.05 -35.89
CA PRO D 93 14.50 -1.81 -36.24
C PRO D 93 14.89 -0.37 -36.53
N SER D 94 13.93 0.47 -36.93
CA SER D 94 14.20 1.88 -37.19
C SER D 94 14.53 2.67 -35.92
N ALA D 95 14.19 2.11 -34.75
CA ALA D 95 14.51 2.74 -33.45
C ALA D 95 15.75 2.13 -32.82
N ARG D 96 16.42 1.23 -33.53
CA ARG D 96 17.62 0.53 -33.01
C ARG D 96 18.88 0.98 -33.77
N TRP D 97 19.96 1.12 -33.01
CA TRP D 97 21.20 1.71 -33.52
C TRP D 97 22.41 0.89 -33.05
N THR D 98 23.45 0.84 -33.88
CA THR D 98 24.76 0.37 -33.47
C THR D 98 25.66 1.60 -33.30
N ILE D 99 26.57 1.53 -32.36
CA ILE D 99 27.44 2.63 -32.00
C ILE D 99 28.84 2.07 -32.16
N LYS D 100 29.54 2.55 -33.18
CA LYS D 100 30.80 1.95 -33.63
CA LYS D 100 30.80 1.96 -33.59
C LYS D 100 31.92 3.00 -33.65
N PRO D 101 33.14 2.61 -33.25
CA PRO D 101 34.26 3.55 -33.39
C PRO D 101 34.39 4.05 -34.81
N ALA D 102 34.57 5.35 -34.99
CA ALA D 102 34.57 5.89 -36.33
C ALA D 102 35.87 5.46 -37.03
N THR D 103 36.93 5.30 -36.23
CA THR D 103 38.23 4.79 -36.69
C THR D 103 38.76 3.67 -35.75
N THR D 104 39.55 2.72 -36.25
CA THR D 104 40.06 1.66 -35.37
C THR D 104 41.16 2.19 -34.44
N HIS D 105 41.42 1.44 -33.37
CA HIS D 105 42.49 1.72 -32.38
C HIS D 105 42.17 2.94 -31.48
N GLN D 106 40.89 3.27 -31.32
CA GLN D 106 40.48 4.37 -30.44
CA GLN D 106 40.48 4.37 -30.43
C GLN D 106 39.04 4.13 -29.97
N TYR D 107 38.65 4.81 -28.90
CA TYR D 107 37.35 4.59 -28.29
C TYR D 107 36.68 5.88 -27.82
N GLU D 108 36.85 6.94 -28.63
CA GLU D 108 36.28 8.25 -28.33
C GLU D 108 35.39 8.94 -29.35
N VAL D 109 35.55 8.68 -30.64
CA VAL D 109 34.66 9.21 -31.65
C VAL D 109 33.91 8.05 -32.32
N PHE D 110 32.60 8.19 -32.46
CA PHE D 110 31.71 7.10 -32.90
C PHE D 110 30.78 7.51 -33.98
N THR D 111 30.38 6.52 -34.77
CA THR D 111 29.23 6.63 -35.66
C THR D 111 28.02 5.98 -35.00
N ILE D 112 26.86 6.47 -35.38
CA ILE D 112 25.59 6.01 -34.79
C ILE D 112 24.77 5.57 -36.00
N ASN D 113 24.62 4.25 -36.13
CA ASN D 113 24.18 3.59 -37.35
C ASN D 113 22.83 2.94 -37.18
N ASN D 114 21.87 3.26 -38.04
CA ASN D 114 20.53 2.68 -37.90
C ASN D 114 20.57 1.19 -38.22
N LYS D 115 19.77 0.40 -37.50
CA LYS D 115 19.66 -1.02 -37.78
CA LYS D 115 19.68 -1.03 -37.78
C LYS D 115 19.11 -1.30 -39.18
N VAL D 116 18.25 -0.40 -39.67
CA VAL D 116 17.80 -0.44 -41.07
C VAL D 116 18.94 0.18 -41.91
N SER D 117 19.75 -0.67 -42.57
CA SER D 117 20.98 -0.22 -43.25
C SER D 117 20.74 0.95 -44.16
N GLU D 118 19.63 0.92 -44.89
CA GLU D 118 19.33 1.94 -45.91
CA GLU D 118 19.35 1.92 -45.91
C GLU D 118 19.07 3.30 -45.29
N LEU D 119 18.74 3.32 -43.99
CA LEU D 119 18.49 4.60 -43.30
C LEU D 119 19.80 5.27 -42.86
N GLY D 120 20.89 4.51 -42.76
CA GLY D 120 22.22 5.14 -42.70
C GLY D 120 22.66 5.61 -41.30
N GLN D 121 23.32 6.75 -41.23
CA GLN D 121 24.00 7.24 -40.05
C GLN D 121 23.38 8.53 -39.58
N LEU D 122 23.47 8.76 -38.28
CA LEU D 122 23.04 10.02 -37.68
C LEU D 122 24.01 11.11 -38.14
N THR D 123 23.46 12.17 -38.72
CA THR D 123 24.23 13.14 -39.52
C THR D 123 23.77 14.57 -39.24
N VAL D 124 24.71 15.49 -39.02
CA VAL D 124 24.36 16.91 -38.93
C VAL D 124 24.18 17.48 -40.34
N LYS D 125 22.99 17.97 -40.65
CA LYS D 125 22.69 18.45 -42.00
C LYS D 125 23.70 19.50 -42.48
N ASP D 126 24.20 19.29 -43.69
CA ASP D 126 25.06 20.26 -44.39
C ASP D 126 26.32 20.65 -43.61
N TYR D 127 26.79 19.76 -42.73
CA TYR D 127 28.00 19.96 -41.94
C TYR D 127 27.93 21.21 -41.06
N SER D 128 26.70 21.58 -40.67
CA SER D 128 26.50 22.80 -39.95
C SER D 128 27.22 22.77 -38.62
N THR D 129 27.82 23.91 -38.26
CA THR D 129 28.36 24.08 -36.94
C THR D 129 27.52 25.07 -36.11
N HIS D 130 26.34 25.44 -36.61
CA HIS D 130 25.50 26.42 -35.92
C HIS D 130 24.45 25.68 -35.12
N SER D 131 24.12 26.21 -33.95
CA SER D 131 22.95 25.73 -33.23
C SER D 131 21.68 25.73 -34.10
N GLY D 132 20.83 24.73 -33.85
CA GLY D 132 19.55 24.59 -34.54
C GLY D 132 19.57 23.81 -35.84
N ALA D 133 20.66 23.10 -36.13
CA ALA D 133 20.78 22.35 -37.39
C ALA D 133 19.99 21.06 -37.29
N ASP D 134 19.34 20.67 -38.38
CA ASP D 134 18.62 19.41 -38.40
C ASP D 134 19.59 18.23 -38.29
N VAL D 135 19.20 17.20 -37.55
CA VAL D 135 19.98 16.00 -37.47
C VAL D 135 19.19 14.94 -38.26
N LEU D 136 19.86 14.37 -39.25
CA LEU D 136 19.27 13.46 -40.24
C LEU D 136 19.71 12.03 -40.04
N SER D 137 18.93 11.12 -40.61
CA SER D 137 19.43 9.81 -40.95
C SER D 137 19.80 9.94 -42.43
N ALA D 138 21.08 9.85 -42.72
CA ALA D 138 21.60 10.09 -44.06
C ALA D 138 22.56 8.98 -44.50
N SER D 139 22.80 8.92 -45.81
CA SER D 139 23.74 7.97 -46.43
CA SER D 139 23.71 7.94 -46.40
C SER D 139 25.02 7.86 -45.62
N ALA D 140 25.39 6.65 -45.24
CA ALA D 140 26.52 6.42 -44.33
C ALA D 140 27.87 6.52 -45.04
N LYS D 141 28.67 7.48 -44.62
CA LYS D 141 30.02 7.70 -45.17
C LYS D 141 31.10 7.81 -44.11
N THR D 142 30.70 7.80 -42.85
CA THR D 142 31.63 8.12 -41.78
C THR D 142 32.37 9.44 -42.08
N ALA D 143 31.61 10.44 -42.54
CA ALA D 143 32.11 11.80 -42.67
C ALA D 143 32.15 12.47 -41.29
N ASP D 144 32.81 13.62 -41.20
CA ASP D 144 33.00 14.27 -39.89
C ASP D 144 31.68 14.76 -39.27
N ASN D 145 30.67 15.02 -40.09
CA ASN D 145 29.33 15.35 -39.60
C ASN D 145 28.50 14.11 -39.21
N GLN D 146 29.15 12.95 -39.24
CA GLN D 146 28.56 11.68 -38.83
C GLN D 146 29.31 11.05 -37.68
N LYS D 147 30.14 11.89 -37.02
CA LYS D 147 30.95 11.47 -35.89
CA LYS D 147 30.95 11.47 -35.89
C LYS D 147 30.48 12.17 -34.62
N TRP D 148 30.50 11.42 -33.50
CA TRP D 148 29.89 11.87 -32.28
C TRP D 148 30.71 11.44 -31.08
N TYR D 149 30.65 12.30 -30.06
CA TYR D 149 31.20 12.01 -28.76
C TYR D 149 30.06 11.71 -27.78
N PHE D 150 30.40 10.91 -26.76
CA PHE D 150 29.50 10.63 -25.66
C PHE D 150 30.04 11.19 -24.35
N ASP D 151 29.50 12.33 -23.94
CA ASP D 151 29.93 13.00 -22.69
C ASP D 151 28.96 12.65 -21.56
N ALA D 152 29.48 12.33 -20.38
N ALA D 152 29.44 12.40 -20.36
CA ALA D 152 28.62 11.88 -19.24
CA ALA D 152 28.49 12.16 -19.26
C ALA D 152 29.26 11.99 -17.86
C ALA D 152 27.69 13.42 -18.91
N LYS D 153 28.47 12.47 -16.89
N LYS D 153 26.58 13.24 -18.20
CA LYS D 153 28.86 12.60 -15.47
CA LYS D 153 25.80 14.36 -17.72
C LYS D 153 28.36 11.44 -14.61
C LYS D 153 26.72 15.55 -17.56
C1 GOL E . -33.21 -12.95 16.63
O1 GOL E . -32.21 -11.98 16.34
C2 GOL E . -33.88 -13.49 15.38
O2 GOL E . -34.19 -12.48 14.45
C3 GOL E . -32.99 -14.58 14.82
O3 GOL E . -32.17 -14.16 13.78
C1 GOL F . -6.07 -7.57 -21.16
O1 GOL F . -5.16 -6.63 -21.69
C2 GOL F . -7.38 -7.63 -21.91
O2 GOL F . -7.96 -6.38 -22.15
C3 GOL F . -7.15 -8.36 -23.23
O3 GOL F . -7.13 -7.50 -24.31
#